data_7DFW
#
_entry.id   7DFW
#
_cell.length_a   1.00
_cell.length_b   1.00
_cell.length_c   1.00
_cell.angle_alpha   90.00
_cell.angle_beta   90.00
_cell.angle_gamma   90.00
#
_symmetry.space_group_name_H-M   'P 1'
#
loop_
_entity.id
_entity.type
_entity.pdbx_description
1 polymer 'NPC1-like intracellular cholesterol transporter 1'
2 branched 2-acetamido-2-deoxy-beta-D-glucopyranose-(1-4)-2-acetamido-2-deoxy-beta-D-glucopyranose
3 branched 2-acetamido-2-deoxy-beta-D-glucopyranose-(1-4)-2-acetamido-2-deoxy-beta-D-glucopyranose-(1-4)-2-acetamido-2-deoxy-beta-D-glucopyranose
4 branched 2-acetamido-2-deoxy-beta-D-glucopyranose-(1-3)-2-acetamido-2-deoxy-beta-D-glucopyranose-(1-4)-2-acetamido-2-deoxy-beta-D-glucopyranose
5 non-polymer 2-acetamido-2-deoxy-beta-D-glucopyranose
6 non-polymer O-[(R)-{[(2R)-2,3-bis(octadecanoyloxy)propyl]oxy}(hydroxy)phosphoryl]-L-serine
7 non-polymer DODECYL-BETA-D-MALTOSIDE
8 non-polymer CHOLESTEROL
#
_entity_poly.entity_id   1
_entity_poly.type   'polypeptide(L)'
_entity_poly.pdbx_seq_one_letter_code
;MAEAGLRGWLLWALLLRLAQSEPYTTIHQPGYCAFYDECGKNPELSGSLMTLSNVSCLSNTPARKITGDHLILLQKICPR
LYTGPNTQACCSAKQLVSLEASLSITKALLTRCPACSDNFVNLHCHNTCSPNQSLFINVTRVAQLGAGQLPAVVAYEAFY
QHSFAEQSYDSCSRVRVPAAATLAVGTMCGVYGSALCNAQRWLNFQGDTGNGLAPLDITFHLLEPGQAVGSGIQPLNEGV
ARCNESQGDDVATCSCQDCAASCPAIARPQALDSTFYLGQMPGSLVLIIILCSVFAVVTILLVGFRVAPARDKSKMVDPK
KGTSLSDKLSFSTHTLLGQFFQGWGTWVASWPLTILVLSVIPVVALAAGLVFTELTTDPVELWSAPNSQARSEKAFHDQH
FGPFFRTNQVILTAPNRSSYRYDSLLLGPKNFSGILDLDLLLELLELQERLRHLQVWSPEAQRNISLQDICYAPLNPDNT
SLYDCCINSLLQYFQNNRTLLLLTANQTLMGQTSQVDWKDHFLYCANAPLTFKDGTALALSCMADYGAPVFPFLAIGGYK
GKDYSEAEALIMTFSLNNYPAGDPRLAQAKLWEEAFLEEMRAFQRRMAGMFQVTFMAERSLEDEINRTTAEDLPIFATSY
IVIFLYISLALGSYSSWSRVMVDSKATLGLGGVAVVLGAVMAAMGFFSYLGIRSSLVILQVVPFLVLSVGADNIFIFVLE
YQRLPRRPGEPREVHIGRALGRVAPSMLLCSLSEAICFFLGALTPMPAVRTFALTSGLAVILDFLLQMSAFVALLSLDSK
RQEASRLDVCCCVKPQELPPPGQGEGLLLGFFQKAYAPFLLHWITRGVVLLLFLALFGVSLYSMCHISVGLDQELALPKD
SYLLDYFLFLNRYFEVGAPVYFVTTLGYNFSSEAGMNAICSSAGCNNFSFTQKIQYATEFPEQSYLAIPASSWVDDFIDW
LTPSSCCRLYISGPNKDKFCPSTVNSLNCLKNCMSITMGSVRPSVEQFHKYLPWFLNDRPNIKCPKGGLAAYSTSVNLTS
DGQVLASRFMAYHKPLKNSQDYTEALRAARELAANITADLRKVPGTDPAFEVFPYTITNVFYEQYLTILPEGLFMLSLCL
VPTFAVSCLLLGLDLRSGLLNLLSIVMILVDTVGFMALWGISYNAVSLINLVSAVGMSVEFVSHITRSFAISTKPTWLER
AKEATISMGSAVFAGVAMTNLPGILVLGLAKAQLIQIFFFRLNLLITLLGLLHGLVFLPVILSYVGPDVNPALALEQKRA
EEAVAAVM
;
_entity_poly.pdbx_strand_id   A
#
# COMPACT_ATOMS: atom_id res chain seq x y z
N SER A 332 -17.57 -44.91 1.70
CA SER A 332 -17.43 -43.55 1.22
C SER A 332 -17.58 -42.55 2.36
N THR A 333 -16.73 -41.53 2.37
CA THR A 333 -16.77 -40.47 3.37
C THR A 333 -17.62 -39.28 2.94
N HIS A 334 -18.50 -39.47 1.96
CA HIS A 334 -19.46 -38.47 1.53
C HIS A 334 -20.85 -38.75 2.10
N THR A 335 -21.25 -40.02 2.07
CA THR A 335 -22.56 -40.40 2.60
C THR A 335 -22.60 -40.28 4.12
N LEU A 336 -21.45 -40.44 4.79
CA LEU A 336 -21.41 -40.25 6.24
C LEU A 336 -21.64 -38.80 6.61
N LEU A 337 -21.03 -37.87 5.86
CA LEU A 337 -21.24 -36.45 6.08
C LEU A 337 -22.67 -36.04 5.77
N GLY A 338 -23.25 -36.64 4.71
CA GLY A 338 -24.64 -36.38 4.40
C GLY A 338 -25.61 -36.90 5.45
N GLN A 339 -25.35 -38.09 5.99
CA GLN A 339 -26.20 -38.66 7.04
C GLN A 339 -26.10 -37.86 8.33
N PHE A 340 -24.90 -37.39 8.66
CA PHE A 340 -24.72 -36.54 9.84
C PHE A 340 -25.45 -35.21 9.68
N PHE A 341 -25.36 -34.60 8.50
CA PHE A 341 -26.04 -33.32 8.31
C PHE A 341 -27.55 -33.48 8.25
N GLN A 342 -28.04 -34.64 7.80
CA GLN A 342 -29.48 -34.90 7.84
C GLN A 342 -29.99 -35.05 9.27
N GLY A 343 -29.26 -35.80 10.11
CA GLY A 343 -29.65 -35.92 11.51
C GLY A 343 -29.52 -34.63 12.29
N TRP A 344 -28.47 -33.85 11.99
CA TRP A 344 -28.28 -32.55 12.63
C TRP A 344 -29.36 -31.56 12.22
N GLY A 345 -29.76 -31.60 10.95
CA GLY A 345 -30.83 -30.72 10.50
C GLY A 345 -32.17 -31.07 11.11
N THR A 346 -32.44 -32.37 11.29
CA THR A 346 -33.66 -32.79 11.97
C THR A 346 -33.68 -32.38 13.44
N TRP A 347 -32.54 -32.48 14.12
CA TRP A 347 -32.47 -32.05 15.52
C TRP A 347 -32.59 -30.54 15.67
N VAL A 348 -31.96 -29.77 14.77
CA VAL A 348 -32.01 -28.32 14.84
C VAL A 348 -33.41 -27.81 14.49
N ALA A 349 -34.08 -28.46 13.54
CA ALA A 349 -35.47 -28.11 13.28
C ALA A 349 -36.38 -28.51 14.43
N SER A 350 -36.03 -29.57 15.17
CA SER A 350 -36.83 -29.92 16.33
C SER A 350 -36.68 -28.92 17.47
N TRP A 351 -35.49 -28.34 17.65
CA TRP A 351 -35.23 -27.42 18.76
C TRP A 351 -34.83 -26.03 18.28
N PRO A 352 -35.75 -25.33 17.61
CA PRO A 352 -35.36 -24.08 16.92
C PRO A 352 -35.13 -22.91 17.85
N LEU A 353 -35.98 -22.71 18.87
CA LEU A 353 -35.82 -21.58 19.78
C LEU A 353 -34.57 -21.73 20.65
N THR A 354 -34.30 -22.96 21.10
CA THR A 354 -33.10 -23.24 21.88
C THR A 354 -31.84 -23.03 21.06
N ILE A 355 -31.85 -23.48 19.80
CA ILE A 355 -30.68 -23.28 18.95
C ILE A 355 -30.52 -21.81 18.56
N LEU A 356 -31.63 -21.08 18.43
CA LEU A 356 -31.57 -19.66 18.11
C LEU A 356 -30.97 -18.84 19.25
N VAL A 357 -31.40 -19.10 20.49
CA VAL A 357 -30.85 -18.37 21.63
C VAL A 357 -29.40 -18.77 21.90
N LEU A 358 -29.08 -20.06 21.79
CA LEU A 358 -27.73 -20.50 22.09
C LEU A 358 -26.75 -20.26 20.94
N SER A 359 -27.24 -19.84 19.76
CA SER A 359 -26.35 -19.36 18.71
C SER A 359 -26.30 -17.84 18.62
N VAL A 360 -27.32 -17.13 19.12
CA VAL A 360 -27.31 -15.68 19.02
C VAL A 360 -26.57 -15.04 20.20
N ILE A 361 -26.60 -15.67 21.39
CA ILE A 361 -25.89 -15.11 22.54
C ILE A 361 -24.37 -15.10 22.40
N PRO A 362 -23.71 -16.18 21.94
CA PRO A 362 -22.25 -16.09 21.69
C PRO A 362 -21.86 -15.11 20.58
N VAL A 363 -22.71 -14.88 19.59
CA VAL A 363 -22.38 -13.90 18.56
C VAL A 363 -22.44 -12.49 19.12
N VAL A 364 -23.41 -12.22 19.99
CA VAL A 364 -23.49 -10.92 20.65
C VAL A 364 -22.34 -10.74 21.64
N ALA A 365 -21.92 -11.84 22.29
CA ALA A 365 -20.76 -11.78 23.19
C ALA A 365 -19.47 -11.50 22.44
N LEU A 366 -19.30 -12.09 21.26
CA LEU A 366 -18.11 -11.80 20.47
C LEU A 366 -18.16 -10.39 19.89
N ALA A 367 -19.34 -9.92 19.47
CA ALA A 367 -19.43 -8.62 18.83
C ALA A 367 -19.53 -7.47 19.82
N ALA A 368 -19.65 -7.76 21.12
CA ALA A 368 -19.65 -6.68 22.11
C ALA A 368 -18.28 -6.05 22.30
N GLY A 369 -17.21 -6.74 21.90
CA GLY A 369 -15.87 -6.19 21.98
C GLY A 369 -15.42 -5.39 20.79
N LEU A 370 -16.30 -4.62 20.17
CA LEU A 370 -15.88 -3.61 19.20
C LEU A 370 -15.57 -2.27 19.84
N VAL A 371 -15.55 -2.20 21.18
CA VAL A 371 -15.19 -0.99 21.89
C VAL A 371 -13.97 -1.19 22.77
N PHE A 372 -13.72 -2.43 23.21
CA PHE A 372 -12.81 -2.66 24.34
C PHE A 372 -11.35 -2.47 23.95
N THR A 373 -10.93 -3.03 22.81
CA THR A 373 -9.57 -2.80 22.33
C THR A 373 -9.64 -2.54 20.82
N GLU A 374 -10.64 -1.77 20.40
CA GLU A 374 -10.85 -1.51 18.98
C GLU A 374 -10.07 -0.27 18.57
N LEU A 375 -8.90 -0.48 17.97
CA LEU A 375 -8.05 0.60 17.54
C LEU A 375 -7.71 0.41 16.07
N THR A 376 -7.62 1.54 15.36
CA THR A 376 -7.32 1.54 13.94
C THR A 376 -5.89 2.04 13.73
N THR A 377 -5.08 1.27 13.03
CA THR A 377 -3.70 1.65 12.76
C THR A 377 -3.68 2.56 11.52
N ASP A 378 -3.51 3.86 11.78
CA ASP A 378 -3.46 4.86 10.70
C ASP A 378 -2.15 5.17 9.95
N PRO A 379 -0.90 4.96 10.44
CA PRO A 379 0.24 5.45 9.64
C PRO A 379 0.54 4.54 8.45
N VAL A 380 1.64 4.84 7.79
CA VAL A 380 2.04 4.10 6.60
C VAL A 380 3.09 3.06 6.96
N GLU A 381 3.20 2.74 8.25
CA GLU A 381 3.99 1.60 8.70
C GLU A 381 3.18 0.31 8.78
N LEU A 382 1.96 0.34 8.25
CA LEU A 382 1.20 -0.85 7.89
C LEU A 382 1.57 -1.40 6.52
N TRP A 383 2.47 -0.72 5.80
CA TRP A 383 2.90 -1.14 4.47
C TRP A 383 4.36 -1.57 4.46
N SER A 384 4.89 -2.01 5.59
CA SER A 384 6.25 -2.52 5.65
C SER A 384 6.29 -3.82 6.43
N ALA A 385 7.08 -4.77 5.94
CA ALA A 385 7.32 -6.01 6.67
C ALA A 385 8.30 -5.74 7.80
N PRO A 386 7.96 -6.05 9.06
CA PRO A 386 8.86 -5.68 10.17
C PRO A 386 10.13 -6.53 10.25
N ASN A 387 10.20 -7.67 9.57
CA ASN A 387 11.37 -8.52 9.59
C ASN A 387 12.16 -8.48 8.29
N SER A 388 11.86 -7.55 7.39
CA SER A 388 12.57 -7.49 6.12
C SER A 388 13.98 -6.95 6.31
N GLN A 389 14.78 -7.07 5.25
CA GLN A 389 16.15 -6.57 5.29
C GLN A 389 16.19 -5.06 5.31
N ALA A 390 15.25 -4.41 4.61
CA ALA A 390 15.19 -2.95 4.59
C ALA A 390 14.81 -2.39 5.95
N ARG A 391 13.95 -3.09 6.67
CA ARG A 391 13.57 -2.66 8.01
C ARG A 391 14.73 -2.79 8.99
N SER A 392 15.54 -3.84 8.85
CA SER A 392 16.71 -3.99 9.72
C SER A 392 17.79 -2.95 9.39
N GLU A 393 17.92 -2.60 8.10
CA GLU A 393 18.85 -1.54 7.70
C GLU A 393 18.38 -0.18 8.23
N LYS A 394 17.07 0.05 8.22
CA LYS A 394 16.52 1.28 8.80
C LYS A 394 16.71 1.30 10.31
N ALA A 395 16.63 0.14 10.97
CA ALA A 395 16.86 0.06 12.41
C ALA A 395 18.32 0.37 12.76
N PHE A 396 19.26 -0.15 11.95
CA PHE A 396 20.68 0.15 12.14
C PHE A 396 20.98 1.63 11.92
N HIS A 397 20.38 2.22 10.88
CA HIS A 397 20.59 3.63 10.58
C HIS A 397 19.99 4.53 11.66
N ASP A 398 18.79 4.20 12.13
CA ASP A 398 18.16 5.03 13.16
C ASP A 398 18.86 4.86 14.50
N GLN A 399 19.45 3.69 14.76
CA GLN A 399 20.20 3.52 15.98
C GLN A 399 21.50 4.32 15.96
N HIS A 400 22.20 4.33 14.82
CA HIS A 400 23.53 4.93 14.81
C HIS A 400 23.55 6.40 14.43
N PHE A 401 22.58 6.90 13.69
CA PHE A 401 22.61 8.28 13.24
C PHE A 401 21.38 9.09 13.57
N GLY A 402 20.33 8.50 14.12
CA GLY A 402 19.09 9.19 14.32
C GLY A 402 18.20 9.05 13.09
N PRO A 403 16.90 9.22 13.28
CA PRO A 403 15.97 9.04 12.16
C PRO A 403 16.06 10.16 11.14
N PHE A 404 15.64 9.84 9.91
CA PHE A 404 15.60 10.82 8.83
C PHE A 404 14.56 11.88 9.13
N PHE A 405 14.84 13.12 8.72
CA PHE A 405 14.00 14.25 9.09
C PHE A 405 12.67 14.23 8.34
N ARG A 406 11.70 14.94 8.90
CA ARG A 406 10.41 15.15 8.25
C ARG A 406 10.49 16.34 7.31
N THR A 407 9.82 16.24 6.17
CA THR A 407 9.90 17.23 5.11
C THR A 407 8.55 17.89 4.88
N ASN A 408 8.57 19.22 4.71
CA ASN A 408 7.40 19.97 4.29
C ASN A 408 7.82 20.84 3.11
N GLN A 409 7.13 20.69 1.99
CA GLN A 409 7.58 21.31 0.75
C GLN A 409 6.49 22.15 0.12
N VAL A 410 6.92 23.19 -0.58
CA VAL A 410 6.06 24.08 -1.37
C VAL A 410 6.70 24.27 -2.74
N ILE A 411 5.89 24.20 -3.79
CA ILE A 411 6.32 24.46 -5.16
C ILE A 411 5.38 25.53 -5.75
N LEU A 412 5.96 26.59 -6.30
CA LEU A 412 5.19 27.79 -6.64
C LEU A 412 4.76 27.87 -8.10
N THR A 413 5.72 27.95 -9.05
CA THR A 413 5.57 27.95 -10.52
C THR A 413 4.46 28.89 -11.06
N ALA A 414 4.71 30.20 -10.94
CA ALA A 414 3.84 31.21 -11.53
C ALA A 414 3.80 31.11 -13.05
N PRO A 415 2.69 30.65 -13.63
CA PRO A 415 2.70 30.22 -15.04
C PRO A 415 2.36 31.27 -16.07
N ASN A 416 1.72 32.36 -15.67
CA ASN A 416 1.20 33.33 -16.64
C ASN A 416 2.18 34.42 -17.00
N ARG A 417 3.40 34.38 -16.47
CA ARG A 417 4.37 35.45 -16.68
C ARG A 417 5.35 35.08 -17.78
N SER A 418 5.83 36.10 -18.48
CA SER A 418 6.68 35.89 -19.65
C SER A 418 8.15 36.01 -19.26
N SER A 419 8.98 35.22 -19.95
CA SER A 419 10.42 35.29 -19.75
C SER A 419 10.98 36.55 -20.39
N TYR A 420 12.15 36.97 -19.92
CA TYR A 420 12.72 38.25 -20.34
C TYR A 420 14.23 38.10 -20.49
N ARG A 421 14.80 38.95 -21.32
CA ARG A 421 16.21 38.88 -21.64
C ARG A 421 17.02 39.82 -20.75
N TYR A 422 18.12 39.32 -20.20
CA TYR A 422 18.98 40.07 -19.28
C TYR A 422 20.40 40.05 -19.79
N ASP A 423 21.03 41.23 -19.84
CA ASP A 423 22.41 41.37 -20.31
C ASP A 423 23.33 41.35 -19.10
N SER A 424 23.81 40.16 -18.76
CA SER A 424 24.68 40.02 -17.60
C SER A 424 26.07 40.59 -17.93
N LEU A 425 26.88 40.75 -16.89
CA LEU A 425 28.21 41.32 -17.04
C LEU A 425 29.31 40.28 -17.05
N LEU A 426 29.13 39.17 -16.34
CA LEU A 426 30.13 38.11 -16.29
C LEU A 426 29.77 36.91 -17.15
N LEU A 427 28.54 36.85 -17.69
CA LEU A 427 28.10 35.70 -18.44
C LEU A 427 27.45 36.02 -19.78
N GLY A 428 27.26 37.30 -20.11
CA GLY A 428 26.67 37.67 -21.37
C GLY A 428 25.16 37.66 -21.34
N PRO A 429 24.55 37.60 -22.52
CA PRO A 429 23.09 37.56 -22.60
C PRO A 429 22.51 36.27 -22.04
N LYS A 430 21.37 36.39 -21.36
CA LYS A 430 20.69 35.22 -20.81
C LYS A 430 19.18 35.44 -20.87
N ASN A 431 18.45 34.33 -20.81
CA ASN A 431 17.00 34.34 -20.72
C ASN A 431 16.63 34.00 -19.29
N PHE A 432 15.86 34.87 -18.64
CA PHE A 432 15.36 34.63 -17.29
C PHE A 432 13.88 34.28 -17.35
N SER A 433 13.48 33.35 -16.50
CA SER A 433 12.10 32.92 -16.46
C SER A 433 11.21 34.00 -15.87
N GLY A 434 9.91 33.85 -16.05
CA GLY A 434 8.97 34.82 -15.51
C GLY A 434 8.78 34.73 -14.02
N ILE A 435 9.06 33.57 -13.43
CA ILE A 435 8.94 33.43 -11.99
C ILE A 435 10.13 34.02 -11.26
N LEU A 436 11.25 34.22 -11.93
CA LEU A 436 12.42 34.85 -11.33
C LEU A 436 12.33 36.37 -11.49
N ASP A 437 11.40 36.95 -10.75
CA ASP A 437 11.17 38.38 -10.72
C ASP A 437 11.17 38.84 -9.28
N LEU A 438 11.41 40.14 -9.09
CA LEU A 438 11.62 40.68 -7.74
C LEU A 438 10.34 40.70 -6.93
N ASP A 439 9.20 40.95 -7.57
CA ASP A 439 7.93 41.03 -6.85
C ASP A 439 7.51 39.67 -6.30
N LEU A 440 7.63 38.62 -7.12
CA LEU A 440 7.27 37.28 -6.69
C LEU A 440 8.23 36.77 -5.63
N LEU A 441 9.50 37.17 -5.73
CA LEU A 441 10.47 36.81 -4.69
C LEU A 441 10.17 37.53 -3.39
N LEU A 442 9.68 38.77 -3.46
CA LEU A 442 9.31 39.48 -2.24
C LEU A 442 8.06 38.87 -1.59
N GLU A 443 7.11 38.40 -2.40
CA GLU A 443 5.95 37.70 -1.85
C GLU A 443 6.34 36.37 -1.21
N LEU A 444 7.28 35.65 -1.83
CA LEU A 444 7.77 34.40 -1.24
C LEU A 444 8.56 34.66 0.04
N LEU A 445 9.29 35.78 0.10
CA LEU A 445 10.01 36.14 1.32
C LEU A 445 9.05 36.50 2.44
N GLU A 446 7.95 37.17 2.12
CA GLU A 446 6.91 37.47 3.10
C GLU A 446 6.25 36.20 3.63
N LEU A 447 5.97 35.24 2.73
CA LEU A 447 5.37 33.97 3.14
C LEU A 447 6.33 33.15 4.00
N GLN A 448 7.62 33.15 3.66
CA GLN A 448 8.60 32.40 4.44
C GLN A 448 8.82 33.02 5.81
N GLU A 449 8.83 34.35 5.91
CA GLU A 449 9.01 35.00 7.20
C GLU A 449 7.76 34.83 8.07
N ARG A 450 6.58 34.86 7.48
CA ARG A 450 5.38 34.62 8.26
C ARG A 450 5.27 33.17 8.69
N LEU A 451 5.80 32.25 7.88
CA LEU A 451 5.71 30.83 8.22
C LEU A 451 6.78 30.40 9.22
N ARG A 452 7.90 31.13 9.28
CA ARG A 452 8.92 30.84 10.28
C ARG A 452 8.50 31.23 11.69
N HIS A 453 7.61 32.23 11.83
CA HIS A 453 7.19 32.72 13.14
C HIS A 453 5.88 32.11 13.59
N LEU A 454 5.43 31.04 12.94
CA LEU A 454 4.18 30.40 13.31
C LEU A 454 4.30 29.70 14.66
N GLN A 455 3.26 29.82 15.48
CA GLN A 455 3.22 29.20 16.80
C GLN A 455 1.91 28.45 16.97
N VAL A 456 1.97 27.34 17.72
CA VAL A 456 0.87 26.42 17.88
C VAL A 456 0.69 26.12 19.36
N TRP A 457 -0.56 26.02 19.80
CA TRP A 457 -0.89 25.65 21.17
C TRP A 457 -1.04 24.14 21.25
N SER A 458 -0.19 23.50 22.05
CA SER A 458 -0.41 22.10 22.40
C SER A 458 -1.53 22.02 23.42
N PRO A 459 -2.50 21.13 23.24
CA PRO A 459 -3.81 21.31 23.90
C PRO A 459 -3.82 21.00 25.38
N GLU A 460 -2.84 20.27 25.91
CA GLU A 460 -2.94 19.72 27.26
C GLU A 460 -2.29 20.64 28.31
N ALA A 461 -2.68 21.92 28.26
CA ALA A 461 -2.22 22.96 29.19
C ALA A 461 -0.71 23.17 29.15
N GLN A 462 -0.09 22.95 27.99
CA GLN A 462 1.33 23.13 27.82
C GLN A 462 1.59 24.54 27.29
N ARG A 463 2.80 24.79 26.81
CA ARG A 463 3.18 26.07 26.24
C ARG A 463 2.84 26.11 24.75
N ASN A 464 3.04 27.28 24.13
CA ASN A 464 2.92 27.41 22.68
C ASN A 464 4.18 26.96 21.96
N ILE A 465 4.02 26.03 21.03
CA ILE A 465 5.12 25.38 20.34
C ILE A 465 5.58 26.27 19.19
N SER A 466 6.85 26.65 19.20
CA SER A 466 7.43 27.44 18.13
C SER A 466 8.22 26.53 17.20
N LEU A 467 8.80 27.13 16.16
CA LEU A 467 9.54 26.34 15.17
C LEU A 467 10.86 25.84 15.75
N GLN A 468 11.50 26.63 16.61
CA GLN A 468 12.82 26.28 17.11
C GLN A 468 12.80 25.10 18.07
N ASP A 469 11.65 24.80 18.69
CA ASP A 469 11.56 23.64 19.55
C ASP A 469 11.64 22.34 18.75
N ILE A 470 11.12 22.35 17.52
CA ILE A 470 10.94 21.13 16.75
C ILE A 470 11.74 21.11 15.45
N CYS A 471 12.36 22.21 15.06
CA CYS A 471 13.03 22.25 13.76
C CYS A 471 14.33 21.46 13.79
N TYR A 472 14.76 21.07 12.60
CA TYR A 472 15.98 20.29 12.41
C TYR A 472 17.14 21.26 12.18
N ALA A 473 17.96 21.46 13.21
CA ALA A 473 19.11 22.34 13.10
C ALA A 473 20.35 21.51 12.84
N PRO A 474 20.93 21.56 11.64
CA PRO A 474 22.02 20.63 11.32
C PRO A 474 23.33 20.96 12.01
N LEU A 475 23.54 22.21 12.42
CA LEU A 475 24.80 22.59 13.04
C LEU A 475 24.59 23.47 14.28
N ASN A 476 23.47 23.29 14.97
CA ASN A 476 23.25 23.84 16.30
C ASN A 476 22.10 23.11 16.97
N PRO A 477 22.26 21.82 17.32
CA PRO A 477 21.11 21.03 17.77
C PRO A 477 20.77 21.22 19.23
N ASP A 478 21.69 21.68 20.07
CA ASP A 478 21.43 21.78 21.51
C ASP A 478 20.81 23.12 21.88
N ASN A 479 21.52 24.21 21.63
CA ASN A 479 21.02 25.55 21.92
C ASN A 479 20.43 26.20 20.66
N THR A 480 19.35 25.61 20.18
CA THR A 480 18.78 25.99 18.90
C THR A 480 18.08 27.35 18.99
N SER A 481 18.20 28.13 17.94
CA SER A 481 17.55 29.43 17.80
C SER A 481 16.57 29.40 16.65
N LEU A 482 15.92 30.54 16.40
CA LEU A 482 14.97 30.63 15.30
C LEU A 482 15.64 30.76 13.95
N TYR A 483 16.91 31.16 13.92
CA TYR A 483 17.66 31.29 12.68
C TYR A 483 18.66 30.16 12.48
N ASP A 484 18.61 29.13 13.33
CA ASP A 484 19.42 27.95 13.16
C ASP A 484 18.64 26.81 12.52
N CYS A 485 17.43 27.07 12.05
CA CYS A 485 16.57 26.03 11.49
C CYS A 485 16.83 25.87 10.01
N CYS A 486 16.80 24.62 9.54
CA CYS A 486 17.07 24.31 8.14
C CYS A 486 15.86 24.69 7.30
N ILE A 487 15.94 25.84 6.64
CA ILE A 487 14.93 26.29 5.70
C ILE A 487 15.64 26.55 4.38
N ASN A 488 15.23 25.85 3.33
CA ASN A 488 15.88 25.93 2.03
C ASN A 488 14.99 26.66 1.04
N SER A 489 15.57 27.62 0.34
CA SER A 489 14.85 28.37 -0.69
C SER A 489 15.88 29.20 -1.45
N LEU A 490 15.39 29.94 -2.45
CA LEU A 490 16.26 30.82 -3.22
C LEU A 490 16.75 31.98 -2.36
N LEU A 491 15.91 32.44 -1.42
CA LEU A 491 16.22 33.59 -0.58
C LEU A 491 17.33 33.33 0.44
N GLN A 492 17.65 32.05 0.72
CA GLN A 492 18.83 31.69 1.49
C GLN A 492 20.15 32.04 0.81
N TYR A 493 20.18 32.23 -0.52
CA TYR A 493 21.33 32.85 -1.15
C TYR A 493 21.54 34.29 -0.69
N PHE A 494 20.48 35.01 -0.33
CA PHE A 494 20.58 36.37 0.19
C PHE A 494 20.42 36.42 1.71
N GLN A 495 20.45 35.27 2.36
CA GLN A 495 20.36 35.13 3.83
C GLN A 495 19.02 35.60 4.38
N ASN A 496 17.96 35.55 3.57
CA ASN A 496 16.61 35.99 3.94
C ASN A 496 16.54 37.47 4.29
N ASN A 497 17.39 38.29 3.70
CA ASN A 497 17.47 39.69 4.01
C ASN A 497 16.86 40.47 2.86
N ARG A 498 15.81 41.25 3.15
CA ARG A 498 15.13 42.03 2.13
C ARG A 498 15.98 43.17 1.61
N THR A 499 16.92 43.67 2.42
CA THR A 499 17.81 44.73 1.96
C THR A 499 18.82 44.20 0.94
N LEU A 500 19.32 42.98 1.15
CA LEU A 500 20.30 42.42 0.22
C LEU A 500 19.66 42.04 -1.11
N LEU A 501 18.37 41.72 -1.11
CA LEU A 501 17.66 41.43 -2.35
C LEU A 501 17.53 42.67 -3.22
N LEU A 502 17.41 43.84 -2.60
CA LEU A 502 17.27 45.08 -3.32
C LEU A 502 18.58 45.81 -3.52
N LEU A 503 19.70 45.16 -3.24
CA LEU A 503 21.01 45.80 -3.35
C LEU A 503 21.37 46.04 -4.82
N THR A 504 22.20 47.05 -5.05
CA THR A 504 22.53 47.51 -6.39
C THR A 504 23.95 48.08 -6.36
N ALA A 505 24.71 47.78 -7.41
CA ALA A 505 26.03 48.40 -7.53
C ALA A 505 26.51 48.25 -8.97
N ASN A 506 27.19 49.26 -9.48
CA ASN A 506 27.70 49.17 -10.84
C ASN A 506 29.18 48.83 -10.86
N GLN A 507 29.53 47.92 -11.77
CA GLN A 507 30.88 47.39 -11.93
C GLN A 507 31.42 47.78 -13.29
N THR A 508 32.70 48.14 -13.34
CA THR A 508 33.37 48.49 -14.59
C THR A 508 34.29 47.34 -14.97
N LEU A 509 33.85 46.52 -15.92
CA LEU A 509 34.58 45.35 -16.37
C LEU A 509 34.84 45.50 -17.87
N MET A 510 36.11 45.65 -18.24
CA MET A 510 36.52 45.96 -19.62
C MET A 510 35.90 47.27 -20.11
N GLY A 511 35.88 48.27 -19.24
CA GLY A 511 35.37 49.59 -19.60
C GLY A 511 33.87 49.62 -19.86
N GLN A 512 33.10 48.88 -19.06
CA GLN A 512 31.65 48.80 -19.22
C GLN A 512 31.00 48.93 -17.84
N THR A 513 30.63 50.15 -17.47
CA THR A 513 29.92 50.37 -16.21
C THR A 513 28.52 49.78 -16.32
N SER A 514 28.26 48.71 -15.57
CA SER A 514 27.02 47.96 -15.66
C SER A 514 26.41 47.81 -14.29
N GLN A 515 25.07 47.86 -14.25
CA GLN A 515 24.28 47.81 -13.03
C GLN A 515 24.11 46.36 -12.59
N VAL A 516 25.04 45.89 -11.77
CA VAL A 516 24.93 44.58 -11.13
C VAL A 516 23.87 44.64 -10.04
N ASP A 517 23.05 43.60 -10.00
CA ASP A 517 21.90 43.49 -9.10
C ASP A 517 21.84 42.07 -8.57
N TRP A 518 20.67 41.66 -8.06
CA TRP A 518 20.52 40.34 -7.44
C TRP A 518 20.67 39.18 -8.43
N LYS A 519 20.41 39.43 -9.72
CA LYS A 519 20.45 38.36 -10.71
C LYS A 519 21.87 37.86 -10.94
N ASP A 520 22.85 38.77 -10.88
CA ASP A 520 24.25 38.38 -11.02
C ASP A 520 24.71 37.55 -9.83
N HIS A 521 24.26 37.92 -8.62
CA HIS A 521 24.62 37.16 -7.43
C HIS A 521 23.95 35.80 -7.42
N PHE A 522 22.71 35.72 -7.90
CA PHE A 522 22.03 34.43 -8.01
C PHE A 522 22.70 33.53 -9.04
N LEU A 523 23.16 34.13 -10.16
CA LEU A 523 23.88 33.36 -11.17
C LEU A 523 25.22 32.88 -10.65
N TYR A 524 25.87 33.67 -9.80
CA TYR A 524 27.14 33.21 -9.22
C TYR A 524 26.92 32.10 -8.20
N CYS A 525 25.91 32.23 -7.33
CA CYS A 525 25.63 31.20 -6.34
C CYS A 525 24.96 29.96 -6.89
N ALA A 526 24.38 29.99 -8.08
CA ALA A 526 23.84 28.76 -8.64
C ALA A 526 24.94 27.79 -9.04
N ASN A 527 26.11 28.31 -9.42
CA ASN A 527 27.23 27.47 -9.85
C ASN A 527 28.23 27.18 -8.74
N ALA A 528 28.39 28.08 -7.78
CA ALA A 528 29.35 27.94 -6.69
C ALA A 528 28.61 28.12 -5.37
N PRO A 529 27.90 27.09 -4.90
CA PRO A 529 27.09 27.24 -3.69
C PRO A 529 27.90 27.41 -2.41
N LEU A 530 29.13 26.92 -2.36
CA LEU A 530 29.97 27.09 -1.17
C LEU A 530 30.91 28.26 -1.45
N THR A 531 30.41 29.46 -1.21
CA THR A 531 31.14 30.68 -1.46
C THR A 531 30.86 31.65 -0.32
N PHE A 532 31.90 32.31 0.16
CA PHE A 532 31.74 33.29 1.22
C PHE A 532 31.93 34.72 0.76
N LYS A 533 32.37 34.93 -0.48
CA LYS A 533 32.47 36.27 -1.05
C LYS A 533 32.14 36.19 -2.52
N ASP A 534 31.15 36.96 -2.96
CA ASP A 534 30.73 36.99 -4.34
C ASP A 534 31.82 37.60 -5.22
N GLY A 535 31.91 37.09 -6.45
CA GLY A 535 32.86 37.61 -7.41
C GLY A 535 32.28 38.69 -8.29
N THR A 536 31.59 39.66 -7.70
CA THR A 536 30.96 40.75 -8.44
C THR A 536 31.29 42.07 -7.77
N ALA A 537 30.65 43.14 -8.25
CA ALA A 537 30.81 44.45 -7.63
C ALA A 537 30.20 44.47 -6.23
N LEU A 538 29.08 43.80 -6.06
CA LEU A 538 28.51 43.56 -4.74
C LEU A 538 29.14 42.30 -4.18
N ALA A 539 29.81 42.43 -3.04
CA ALA A 539 30.55 41.31 -2.45
C ALA A 539 29.71 40.55 -1.44
N LEU A 540 28.54 40.10 -1.89
CA LEU A 540 27.60 39.42 -1.00
C LEU A 540 28.11 38.03 -0.66
N SER A 541 27.70 37.55 0.52
CA SER A 541 27.94 36.16 0.86
C SER A 541 26.96 35.26 0.09
N CYS A 542 27.17 33.97 0.22
CA CYS A 542 26.41 32.99 -0.53
C CYS A 542 25.87 31.87 0.33
N MET A 543 26.29 31.77 1.59
CA MET A 543 25.89 30.71 2.49
C MET A 543 24.50 31.01 3.03
N ALA A 544 23.82 29.97 3.49
CA ALA A 544 22.52 30.17 4.12
C ALA A 544 22.70 30.84 5.48
N ASP A 545 21.59 31.35 6.03
CA ASP A 545 21.70 32.06 7.30
C ASP A 545 21.95 31.15 8.49
N TYR A 546 21.66 29.86 8.36
CA TYR A 546 21.99 28.92 9.42
C TYR A 546 23.39 28.33 9.26
N GLY A 547 24.05 28.56 8.12
CA GLY A 547 25.46 28.26 7.97
C GLY A 547 25.80 27.22 6.92
N ALA A 548 24.82 26.59 6.30
CA ALA A 548 25.20 25.57 5.34
C ALA A 548 24.96 26.05 3.92
N PRO A 549 25.68 25.50 2.94
CA PRO A 549 25.42 25.86 1.55
C PRO A 549 24.15 25.22 1.04
N VAL A 550 23.41 25.97 0.24
CA VAL A 550 22.17 25.48 -0.35
C VAL A 550 22.42 25.20 -1.83
N PHE A 551 22.10 24.04 -2.23
CA PHE A 551 22.34 23.65 -3.61
C PHE A 551 21.16 24.02 -4.49
N PRO A 552 21.41 24.21 -5.79
CA PRO A 552 20.35 24.76 -6.66
C PRO A 552 19.21 23.79 -6.93
N PHE A 553 19.41 22.49 -6.75
CA PHE A 553 18.31 21.56 -6.96
C PHE A 553 17.37 21.49 -5.76
N LEU A 554 17.75 22.06 -4.62
CA LEU A 554 16.89 22.19 -3.47
C LEU A 554 16.16 23.53 -3.43
N ALA A 555 16.39 24.40 -4.43
CA ALA A 555 15.82 25.73 -4.43
C ALA A 555 15.08 26.10 -5.69
N ILE A 556 15.35 25.45 -6.82
CA ILE A 556 14.65 25.75 -8.07
C ILE A 556 14.46 24.46 -8.84
N GLY A 557 13.50 24.46 -9.76
CA GLY A 557 13.23 23.32 -10.60
C GLY A 557 12.85 23.76 -12.00
N GLY A 558 12.52 22.79 -12.84
CA GLY A 558 12.08 23.09 -14.18
C GLY A 558 13.15 23.52 -15.14
N TYR A 559 14.41 23.19 -14.87
CA TYR A 559 15.51 23.49 -15.77
C TYR A 559 16.12 22.19 -16.28
N LYS A 560 16.68 22.22 -17.48
CA LYS A 560 17.34 21.07 -18.06
C LYS A 560 18.79 21.45 -18.35
N GLY A 561 19.71 20.84 -17.61
CA GLY A 561 21.13 21.14 -17.76
C GLY A 561 21.63 21.99 -16.62
N LYS A 562 22.43 23.01 -16.95
CA LYS A 562 22.92 23.97 -15.97
C LYS A 562 22.43 25.38 -16.26
N ASP A 563 21.38 25.51 -17.06
CA ASP A 563 20.73 26.80 -17.33
C ASP A 563 19.76 27.10 -16.20
N TYR A 564 20.33 27.60 -15.09
CA TYR A 564 19.58 27.81 -13.87
C TYR A 564 18.61 28.99 -13.98
N SER A 565 18.90 29.95 -14.85
CA SER A 565 18.07 31.15 -14.93
C SER A 565 16.72 30.89 -15.58
N GLU A 566 16.58 29.79 -16.33
CA GLU A 566 15.33 29.45 -16.99
C GLU A 566 14.48 28.49 -16.17
N ALA A 567 14.68 28.46 -14.85
CA ALA A 567 13.91 27.58 -13.98
C ALA A 567 12.46 28.03 -13.90
N GLU A 568 11.55 27.08 -13.96
CA GLU A 568 10.12 27.38 -13.99
C GLU A 568 9.43 27.24 -12.64
N ALA A 569 10.11 26.69 -11.63
CA ALA A 569 9.49 26.46 -10.34
C ALA A 569 10.42 26.90 -9.23
N LEU A 570 9.83 27.36 -8.14
CA LEU A 570 10.56 27.69 -6.91
C LEU A 570 10.17 26.69 -5.83
N ILE A 571 11.14 26.26 -5.04
CA ILE A 571 10.95 25.23 -4.04
C ILE A 571 11.30 25.79 -2.67
N MET A 572 10.42 25.55 -1.69
CA MET A 572 10.63 25.98 -0.32
C MET A 572 10.43 24.79 0.60
N THR A 573 11.44 24.46 1.41
CA THR A 573 11.41 23.26 2.23
C THR A 573 11.67 23.60 3.69
N PHE A 574 10.84 23.06 4.56
CA PHE A 574 11.01 23.11 6.01
C PHE A 574 11.27 21.69 6.49
N SER A 575 12.40 21.47 7.16
CA SER A 575 12.75 20.16 7.66
C SER A 575 12.66 20.14 9.18
N LEU A 576 11.96 19.16 9.72
CA LEU A 576 11.75 19.02 11.15
C LEU A 576 12.38 17.73 11.65
N ASN A 577 12.62 17.68 12.95
CA ASN A 577 13.16 16.48 13.57
C ASN A 577 12.13 15.36 13.58
N ASN A 578 12.61 14.14 13.47
CA ASN A 578 11.75 12.96 13.55
C ASN A 578 12.04 12.20 14.83
N TYR A 579 11.00 11.65 15.42
CA TYR A 579 11.07 10.94 16.69
C TYR A 579 10.35 9.62 16.57
N PRO A 580 10.58 8.70 17.51
CA PRO A 580 9.77 7.47 17.54
C PRO A 580 8.31 7.76 17.87
N ALA A 581 7.47 6.77 17.59
CA ALA A 581 6.02 6.99 17.61
C ALA A 581 5.47 7.18 19.02
N GLY A 582 6.17 6.68 20.03
CA GLY A 582 5.72 6.91 21.39
C GLY A 582 6.10 8.24 21.97
N ASP A 583 6.99 8.99 21.31
CA ASP A 583 7.53 10.20 21.88
C ASP A 583 6.48 11.32 21.89
N PRO A 584 6.49 12.17 22.92
CA PRO A 584 5.54 13.29 22.95
C PRO A 584 5.88 14.45 22.02
N ARG A 585 7.11 14.52 21.51
CA ARG A 585 7.47 15.62 20.62
C ARG A 585 6.97 15.42 19.19
N LEU A 586 6.61 14.18 18.83
CA LEU A 586 6.00 13.93 17.53
C LEU A 586 4.63 14.56 17.42
N ALA A 587 3.90 14.62 18.55
CA ALA A 587 2.61 15.30 18.55
C ALA A 587 2.77 16.81 18.36
N GLN A 588 3.83 17.38 18.93
CA GLN A 588 4.12 18.80 18.72
C GLN A 588 4.49 19.10 17.27
N ALA A 589 5.26 18.20 16.66
CA ALA A 589 5.62 18.34 15.24
C ALA A 589 4.40 18.21 14.34
N LYS A 590 3.49 17.29 14.67
CA LYS A 590 2.28 17.13 13.86
C LYS A 590 1.32 18.30 14.03
N LEU A 591 1.27 18.90 15.23
CA LEU A 591 0.47 20.10 15.44
C LEU A 591 1.00 21.28 14.64
N TRP A 592 2.32 21.45 14.61
CA TRP A 592 2.93 22.51 13.80
C TRP A 592 2.73 22.25 12.31
N GLU A 593 2.74 20.98 11.90
CA GLU A 593 2.49 20.66 10.49
C GLU A 593 1.04 20.96 10.09
N GLU A 594 0.09 20.74 11.01
CA GLU A 594 -1.30 21.10 10.73
C GLU A 594 -1.49 22.61 10.61
N ALA A 595 -0.82 23.37 11.48
CA ALA A 595 -0.87 24.84 11.39
C ALA A 595 -0.20 25.34 10.11
N PHE A 596 0.89 24.67 9.69
CA PHE A 596 1.56 24.98 8.43
C PHE A 596 0.65 24.73 7.24
N LEU A 597 -0.11 23.63 7.27
CA LEU A 597 -1.01 23.30 6.18
C LEU A 597 -2.17 24.29 6.08
N GLU A 598 -2.69 24.74 7.22
CA GLU A 598 -3.74 25.76 7.21
C GLU A 598 -3.23 27.10 6.70
N GLU A 599 -2.01 27.47 7.09
CA GLU A 599 -1.39 28.70 6.58
C GLU A 599 -1.12 28.62 5.08
N MET A 600 -0.76 27.44 4.58
CA MET A 600 -0.53 27.33 3.15
C MET A 600 -1.82 27.31 2.36
N ARG A 601 -2.92 26.79 2.93
CA ARG A 601 -4.21 26.91 2.26
C ARG A 601 -4.69 28.34 2.18
N ALA A 602 -4.42 29.12 3.24
CA ALA A 602 -4.72 30.56 3.22
C ALA A 602 -3.88 31.30 2.18
N PHE A 603 -2.59 30.94 2.07
CA PHE A 603 -1.72 31.56 1.07
C PHE A 603 -2.14 31.17 -0.34
N GLN A 604 -2.62 29.93 -0.53
CA GLN A 604 -3.08 29.50 -1.83
C GLN A 604 -4.35 30.23 -2.26
N ARG A 605 -5.26 30.48 -1.30
CA ARG A 605 -6.43 31.29 -1.64
C ARG A 605 -6.06 32.74 -1.90
N ARG A 606 -5.07 33.29 -1.18
CA ARG A 606 -4.76 34.70 -1.32
C ARG A 606 -4.06 35.01 -2.65
N MET A 607 -3.12 34.17 -3.07
CA MET A 607 -2.38 34.37 -4.31
C MET A 607 -2.99 33.51 -5.40
N ALA A 608 -4.13 33.96 -5.91
CA ALA A 608 -4.86 33.17 -6.91
C ALA A 608 -4.41 33.48 -8.33
N GLY A 609 -4.19 34.75 -8.66
CA GLY A 609 -3.73 35.15 -9.97
C GLY A 609 -2.25 35.38 -10.10
N MET A 610 -1.45 34.97 -9.13
CA MET A 610 -0.01 35.21 -9.13
C MET A 610 0.78 33.91 -9.24
N PHE A 611 0.55 32.97 -8.32
CA PHE A 611 1.27 31.70 -8.28
C PHE A 611 0.30 30.56 -8.59
N GLN A 612 0.84 29.35 -8.67
CA GLN A 612 0.04 28.11 -8.71
C GLN A 612 0.63 27.16 -7.67
N VAL A 613 0.25 27.35 -6.42
CA VAL A 613 0.95 26.73 -5.30
C VAL A 613 0.52 25.29 -5.13
N THR A 614 1.48 24.40 -4.85
CA THR A 614 1.17 23.08 -4.33
C THR A 614 2.09 22.77 -3.15
N PHE A 615 1.54 22.17 -2.12
CA PHE A 615 2.25 21.99 -0.86
C PHE A 615 2.07 20.57 -0.35
N MET A 616 2.91 20.20 0.61
CA MET A 616 2.90 18.86 1.19
C MET A 616 3.54 18.92 2.56
N ALA A 617 2.83 18.39 3.56
CA ALA A 617 3.39 18.17 4.87
C ALA A 617 3.66 16.69 5.08
N GLU A 618 4.52 16.39 6.06
CA GLU A 618 4.94 15.01 6.30
C GLU A 618 3.79 14.16 6.84
N ARG A 619 2.84 14.77 7.53
CA ARG A 619 1.66 14.08 8.03
C ARG A 619 0.56 13.97 6.99
N SER A 620 0.75 14.52 5.78
CA SER A 620 -0.34 14.72 4.84
C SER A 620 -0.82 13.41 4.23
N LEU A 621 0.10 12.47 3.99
CA LEU A 621 -0.28 11.23 3.32
C LEU A 621 -1.11 10.33 4.21
N GLU A 622 -0.81 10.33 5.51
CA GLU A 622 -1.51 9.47 6.46
C GLU A 622 -2.95 9.92 6.66
N ASP A 623 -3.17 11.21 6.88
CA ASP A 623 -4.55 11.67 7.04
C ASP A 623 -5.25 11.91 5.72
N GLU A 624 -4.55 11.84 4.59
CA GLU A 624 -5.24 11.78 3.31
C GLU A 624 -5.69 10.36 2.97
N ILE A 625 -4.91 9.35 3.36
CA ILE A 625 -5.35 7.97 3.20
C ILE A 625 -6.51 7.67 4.14
N ASN A 626 -6.39 8.05 5.41
CA ASN A 626 -7.40 7.72 6.42
C ASN A 626 -8.39 8.87 6.60
N ARG A 627 -9.08 9.20 5.51
CA ARG A 627 -10.02 10.32 5.54
C ARG A 627 -11.40 9.93 5.05
N THR A 628 -11.45 9.03 4.06
CA THR A 628 -12.69 8.74 3.36
C THR A 628 -13.47 7.57 3.95
N THR A 629 -13.04 7.00 5.08
CA THR A 629 -13.69 5.80 5.61
C THR A 629 -15.06 6.11 6.18
N ALA A 630 -15.16 7.13 7.03
CA ALA A 630 -16.42 7.43 7.70
C ALA A 630 -17.42 8.05 6.73
N GLU A 631 -16.93 8.76 5.71
CA GLU A 631 -17.81 9.35 4.72
C GLU A 631 -18.20 8.39 3.61
N ASP A 632 -17.69 7.15 3.64
CA ASP A 632 -18.02 6.15 2.63
C ASP A 632 -18.69 4.91 3.20
N LEU A 633 -18.61 4.69 4.51
CA LEU A 633 -19.32 3.56 5.11
C LEU A 633 -20.84 3.62 4.99
N PRO A 634 -21.53 4.74 5.28
CA PRO A 634 -23.00 4.75 5.07
C PRO A 634 -23.45 4.64 3.63
N ILE A 635 -22.66 5.10 2.67
CA ILE A 635 -22.99 4.82 1.27
C ILE A 635 -22.80 3.34 0.97
N PHE A 636 -21.78 2.73 1.56
CA PHE A 636 -21.51 1.32 1.32
C PHE A 636 -22.53 0.41 1.99
N ALA A 637 -23.24 0.90 3.02
CA ALA A 637 -24.17 0.07 3.77
C ALA A 637 -25.51 -0.14 3.06
N THR A 638 -25.74 0.49 1.90
CA THR A 638 -26.99 0.27 1.18
C THR A 638 -27.03 -1.06 0.44
N SER A 639 -25.88 -1.72 0.28
CA SER A 639 -25.85 -3.04 -0.32
C SER A 639 -26.52 -4.07 0.58
N TYR A 640 -26.50 -3.88 1.90
CA TYR A 640 -27.24 -4.75 2.81
C TYR A 640 -28.75 -4.63 2.61
N ILE A 641 -29.23 -3.41 2.37
CA ILE A 641 -30.66 -3.22 2.12
C ILE A 641 -31.04 -3.79 0.76
N VAL A 642 -30.16 -3.67 -0.23
CA VAL A 642 -30.43 -4.23 -1.56
C VAL A 642 -30.41 -5.76 -1.53
N ILE A 643 -29.51 -6.34 -0.74
CA ILE A 643 -29.45 -7.79 -0.65
C ILE A 643 -30.60 -8.32 0.21
N PHE A 644 -31.10 -7.51 1.15
CA PHE A 644 -32.32 -7.87 1.85
C PHE A 644 -33.51 -7.84 0.88
N LEU A 645 -33.50 -6.89 -0.05
CA LEU A 645 -34.57 -6.81 -1.04
C LEU A 645 -34.53 -7.98 -2.02
N TYR A 646 -33.33 -8.39 -2.44
CA TYR A 646 -33.21 -9.41 -3.49
C TYR A 646 -33.62 -10.79 -2.99
N ILE A 647 -33.18 -11.16 -1.79
CA ILE A 647 -33.81 -12.26 -1.08
C ILE A 647 -35.24 -11.82 -0.74
N SER A 648 -36.16 -12.79 -0.72
CA SER A 648 -37.62 -12.66 -0.50
C SER A 648 -38.39 -12.06 -1.68
N LEU A 649 -37.71 -11.73 -2.77
CA LEU A 649 -38.33 -11.49 -4.06
C LEU A 649 -37.91 -12.54 -5.07
N ALA A 650 -36.73 -13.12 -4.91
CA ALA A 650 -36.29 -14.28 -5.66
C ALA A 650 -36.62 -15.59 -4.96
N LEU A 651 -37.16 -15.55 -3.75
CA LEU A 651 -37.50 -16.74 -3.00
C LEU A 651 -38.99 -16.84 -2.69
N GLY A 652 -39.81 -15.97 -3.28
CA GLY A 652 -41.24 -15.98 -3.04
C GLY A 652 -41.97 -16.92 -3.96
N SER A 653 -43.30 -16.99 -3.77
CA SER A 653 -44.17 -17.84 -4.57
C SER A 653 -45.31 -16.97 -5.08
N TYR A 654 -45.22 -16.58 -6.35
CA TYR A 654 -46.15 -15.67 -7.00
C TYR A 654 -47.23 -16.41 -7.77
N SER A 655 -47.91 -17.34 -7.09
CA SER A 655 -48.94 -18.14 -7.74
C SER A 655 -50.20 -17.33 -7.98
N SER A 656 -50.46 -16.32 -7.16
CA SER A 656 -51.68 -15.54 -7.27
C SER A 656 -51.58 -14.33 -6.36
N TRP A 657 -52.48 -13.37 -6.56
CA TRP A 657 -52.52 -12.18 -5.73
C TRP A 657 -53.18 -12.43 -4.39
N SER A 658 -53.88 -13.56 -4.23
CA SER A 658 -54.57 -13.85 -2.97
C SER A 658 -53.61 -14.30 -1.89
N ARG A 659 -52.38 -14.70 -2.25
CA ARG A 659 -51.43 -15.22 -1.27
C ARG A 659 -50.02 -14.71 -1.53
N VAL A 660 -49.90 -13.50 -2.06
CA VAL A 660 -48.58 -12.92 -2.31
C VAL A 660 -47.90 -12.56 -1.00
N MET A 661 -48.68 -12.13 0.00
CA MET A 661 -48.10 -11.73 1.27
C MET A 661 -47.69 -12.91 2.13
N VAL A 662 -48.40 -14.03 2.01
CA VAL A 662 -48.12 -15.18 2.86
C VAL A 662 -46.86 -15.92 2.46
N ASP A 663 -46.49 -15.89 1.18
CA ASP A 663 -45.32 -16.59 0.68
C ASP A 663 -44.17 -15.63 0.37
N SER A 664 -44.06 -14.54 1.12
CA SER A 664 -43.10 -13.50 0.76
C SER A 664 -41.67 -13.89 1.09
N LYS A 665 -41.47 -14.69 2.15
CA LYS A 665 -40.15 -15.14 2.60
C LYS A 665 -39.25 -13.97 3.04
N ALA A 666 -39.84 -12.88 3.54
CA ALA A 666 -39.01 -11.75 3.97
C ALA A 666 -38.28 -12.04 5.27
N THR A 667 -38.83 -12.95 6.08
CA THR A 667 -38.17 -13.36 7.32
C THR A 667 -36.87 -14.10 7.04
N LEU A 668 -36.83 -14.86 5.93
CA LEU A 668 -35.61 -15.56 5.54
C LEU A 668 -34.53 -14.58 5.10
N GLY A 669 -34.90 -13.54 4.34
CA GLY A 669 -33.93 -12.55 3.92
C GLY A 669 -33.42 -11.70 5.07
N LEU A 670 -34.32 -11.37 6.01
CA LEU A 670 -33.93 -10.64 7.21
C LEU A 670 -33.00 -11.46 8.09
N GLY A 671 -33.30 -12.77 8.23
CA GLY A 671 -32.41 -13.64 8.97
C GLY A 671 -31.06 -13.85 8.30
N GLY A 672 -31.05 -13.91 6.97
CA GLY A 672 -29.78 -14.05 6.26
C GLY A 672 -28.90 -12.83 6.36
N VAL A 673 -29.50 -11.64 6.28
CA VAL A 673 -28.76 -10.40 6.46
C VAL A 673 -28.26 -10.26 7.89
N ALA A 674 -29.07 -10.69 8.86
CA ALA A 674 -28.65 -10.68 10.25
C ALA A 674 -27.53 -11.68 10.51
N VAL A 675 -27.56 -12.83 9.82
CA VAL A 675 -26.50 -13.84 9.97
C VAL A 675 -25.18 -13.33 9.43
N VAL A 676 -25.21 -12.67 8.26
CA VAL A 676 -23.98 -12.14 7.65
C VAL A 676 -23.41 -10.99 8.48
N LEU A 677 -24.29 -10.10 8.96
CA LEU A 677 -23.87 -8.99 9.81
C LEU A 677 -23.32 -9.46 11.14
N GLY A 678 -23.94 -10.49 11.73
CA GLY A 678 -23.45 -11.04 12.97
C GLY A 678 -22.13 -11.76 12.83
N ALA A 679 -21.91 -12.45 11.70
CA ALA A 679 -20.64 -13.13 11.47
C ALA A 679 -19.50 -12.13 11.28
N VAL A 680 -19.75 -11.04 10.54
CA VAL A 680 -18.72 -10.03 10.30
C VAL A 680 -18.39 -9.28 11.60
N MET A 681 -19.43 -8.93 12.38
CA MET A 681 -19.21 -8.23 13.64
C MET A 681 -18.55 -9.12 14.68
N ALA A 682 -18.87 -10.42 14.68
CA ALA A 682 -18.25 -11.34 15.62
C ALA A 682 -16.78 -11.56 15.30
N ALA A 683 -16.43 -11.64 14.01
CA ALA A 683 -15.04 -11.80 13.62
C ALA A 683 -14.20 -10.56 13.97
N MET A 684 -14.75 -9.37 13.71
CA MET A 684 -14.04 -8.14 14.06
C MET A 684 -13.96 -7.94 15.56
N GLY A 685 -15.00 -8.33 16.31
CA GLY A 685 -14.96 -8.23 17.75
C GLY A 685 -13.99 -9.18 18.40
N PHE A 686 -13.88 -10.40 17.85
CA PHE A 686 -12.90 -11.36 18.37
C PHE A 686 -11.49 -10.90 18.09
N PHE A 687 -11.25 -10.30 16.93
CA PHE A 687 -9.90 -9.78 16.70
C PHE A 687 -9.63 -8.52 17.51
N SER A 688 -10.68 -7.78 17.92
CA SER A 688 -10.48 -6.67 18.84
C SER A 688 -10.27 -7.13 20.27
N TYR A 689 -10.66 -8.36 20.61
CA TYR A 689 -10.26 -8.93 21.89
C TYR A 689 -8.76 -9.10 22.05
N LEU A 690 -8.07 -9.53 21.00
CA LEU A 690 -6.67 -9.90 21.12
C LEU A 690 -5.73 -8.72 20.92
N GLY A 691 -6.25 -7.51 20.76
CA GLY A 691 -5.42 -6.35 20.56
C GLY A 691 -4.93 -6.17 19.14
N ILE A 692 -5.45 -6.93 18.19
CA ILE A 692 -5.05 -6.78 16.79
C ILE A 692 -5.64 -5.48 16.27
N ARG A 693 -4.80 -4.61 15.75
CA ARG A 693 -5.26 -3.33 15.24
C ARG A 693 -6.03 -3.52 13.94
N SER A 694 -7.04 -2.68 13.74
CA SER A 694 -7.79 -2.66 12.50
C SER A 694 -7.18 -1.63 11.56
N SER A 695 -7.69 -1.57 10.33
CA SER A 695 -7.18 -0.63 9.34
C SER A 695 -8.33 -0.19 8.45
N LEU A 696 -8.01 0.66 7.48
CA LEU A 696 -9.05 1.21 6.60
C LEU A 696 -9.59 0.16 5.64
N VAL A 697 -8.74 -0.78 5.21
CA VAL A 697 -9.14 -1.77 4.23
C VAL A 697 -10.14 -2.76 4.83
N ILE A 698 -9.94 -3.12 6.09
CA ILE A 698 -10.85 -4.04 6.80
C ILE A 698 -12.22 -3.42 6.96
N LEU A 699 -12.25 -2.18 7.47
CA LEU A 699 -13.50 -1.45 7.68
C LEU A 699 -14.19 -1.06 6.38
N GLN A 700 -13.46 -0.99 5.27
CA GLN A 700 -14.09 -0.59 4.02
C GLN A 700 -14.50 -1.76 3.12
N VAL A 701 -13.87 -2.93 3.20
CA VAL A 701 -14.28 -4.00 2.29
C VAL A 701 -14.61 -5.31 2.97
N VAL A 702 -14.40 -5.52 4.27
CA VAL A 702 -14.74 -6.81 4.88
C VAL A 702 -16.25 -7.07 4.98
N PRO A 703 -17.08 -6.14 5.49
CA PRO A 703 -18.53 -6.43 5.54
C PRO A 703 -19.23 -6.53 4.19
N PHE A 704 -18.64 -6.01 3.12
CA PHE A 704 -19.24 -6.07 1.80
C PHE A 704 -18.56 -7.07 0.88
N LEU A 705 -17.51 -7.72 1.35
CA LEU A 705 -16.96 -8.90 0.68
C LEU A 705 -17.40 -10.19 1.34
N VAL A 706 -17.62 -10.18 2.65
CA VAL A 706 -18.20 -11.35 3.31
C VAL A 706 -19.66 -11.50 2.91
N LEU A 707 -20.35 -10.38 2.67
CA LEU A 707 -21.75 -10.42 2.27
C LEU A 707 -21.93 -10.99 0.87
N SER A 708 -20.91 -10.86 0.01
CA SER A 708 -21.00 -11.41 -1.34
C SER A 708 -20.99 -12.93 -1.34
N VAL A 709 -20.22 -13.54 -0.45
CA VAL A 709 -20.07 -15.00 -0.43
C VAL A 709 -20.81 -15.65 0.73
N GLY A 710 -21.48 -14.88 1.57
CA GLY A 710 -22.17 -15.47 2.70
C GLY A 710 -23.61 -15.89 2.45
N ALA A 711 -24.28 -15.23 1.52
CA ALA A 711 -25.68 -15.54 1.26
C ALA A 711 -25.89 -16.63 0.22
N ASP A 712 -24.80 -17.10 -0.40
CA ASP A 712 -24.90 -18.09 -1.48
C ASP A 712 -25.38 -19.44 -0.96
N ASN A 713 -24.80 -19.89 0.16
CA ASN A 713 -25.18 -21.18 0.74
C ASN A 713 -26.59 -21.12 1.31
N ILE A 714 -26.98 -19.95 1.85
CA ILE A 714 -28.33 -19.75 2.36
C ILE A 714 -29.36 -19.83 1.24
N PHE A 715 -29.04 -19.19 0.11
CA PHE A 715 -29.97 -19.17 -1.01
C PHE A 715 -30.07 -20.55 -1.66
N ILE A 716 -28.94 -21.26 -1.74
CA ILE A 716 -28.93 -22.60 -2.32
C ILE A 716 -29.67 -23.60 -1.43
N PHE A 717 -29.53 -23.46 -0.10
CA PHE A 717 -30.25 -24.34 0.82
C PHE A 717 -31.75 -24.09 0.77
N VAL A 718 -32.17 -22.82 0.71
CA VAL A 718 -33.60 -22.50 0.64
C VAL A 718 -34.19 -22.93 -0.70
N LEU A 719 -33.41 -22.83 -1.77
CA LEU A 719 -33.92 -23.20 -3.08
C LEU A 719 -34.00 -24.72 -3.23
N GLU A 720 -33.02 -25.45 -2.68
CA GLU A 720 -33.10 -26.90 -2.65
C GLU A 720 -34.22 -27.39 -1.73
N TYR A 721 -34.51 -26.65 -0.66
CA TYR A 721 -35.64 -26.98 0.18
C TYR A 721 -36.97 -26.78 -0.55
N GLN A 722 -37.08 -25.70 -1.32
CA GLN A 722 -38.32 -25.44 -2.05
C GLN A 722 -38.52 -26.42 -3.20
N ARG A 723 -37.45 -26.88 -3.84
CA ARG A 723 -37.61 -27.76 -4.99
C ARG A 723 -37.78 -29.23 -4.62
N LEU A 724 -37.60 -29.60 -3.35
CA LEU A 724 -37.69 -30.99 -2.94
C LEU A 724 -39.11 -31.30 -2.50
N PRO A 725 -39.82 -32.21 -3.18
CA PRO A 725 -41.18 -32.54 -2.77
C PRO A 725 -41.20 -33.33 -1.47
N ARG A 726 -42.27 -33.14 -0.70
CA ARG A 726 -42.41 -33.79 0.59
C ARG A 726 -43.13 -35.12 0.42
N ARG A 727 -42.57 -36.17 1.03
CA ARG A 727 -43.18 -37.48 0.96
C ARG A 727 -44.44 -37.50 1.82
N PRO A 728 -45.39 -38.39 1.52
CA PRO A 728 -46.61 -38.47 2.32
C PRO A 728 -46.33 -39.07 3.69
N GLY A 729 -46.95 -38.49 4.71
CA GLY A 729 -46.71 -38.92 6.07
C GLY A 729 -45.31 -38.63 6.55
N GLU A 730 -44.79 -37.44 6.25
CA GLU A 730 -43.46 -37.03 6.67
C GLU A 730 -43.56 -35.69 7.39
N PRO A 731 -43.06 -35.57 8.62
CA PRO A 731 -43.07 -34.28 9.31
C PRO A 731 -42.11 -33.29 8.66
N ARG A 732 -42.37 -32.01 8.92
CA ARG A 732 -41.59 -30.96 8.28
C ARG A 732 -40.17 -30.89 8.84
N GLU A 733 -39.95 -31.35 10.07
CA GLU A 733 -38.61 -31.41 10.61
C GLU A 733 -37.75 -32.43 9.87
N VAL A 734 -38.33 -33.60 9.60
CA VAL A 734 -37.64 -34.64 8.84
C VAL A 734 -37.43 -34.21 7.40
N HIS A 735 -38.39 -33.45 6.85
CA HIS A 735 -38.26 -32.91 5.50
C HIS A 735 -37.14 -31.88 5.41
N ILE A 736 -37.02 -31.03 6.43
CA ILE A 736 -35.95 -30.03 6.47
C ILE A 736 -34.60 -30.69 6.64
N GLY A 737 -34.53 -31.74 7.47
CA GLY A 737 -33.27 -32.47 7.63
C GLY A 737 -32.86 -33.23 6.39
N ARG A 738 -33.83 -33.81 5.68
CA ARG A 738 -33.56 -34.51 4.43
C ARG A 738 -33.12 -33.54 3.34
N ALA A 739 -33.71 -32.34 3.31
CA ALA A 739 -33.27 -31.33 2.35
C ALA A 739 -31.87 -30.81 2.68
N LEU A 740 -31.56 -30.66 3.97
CA LEU A 740 -30.24 -30.19 4.35
C LEU A 740 -29.17 -31.24 4.09
N GLY A 741 -29.51 -32.52 4.23
CA GLY A 741 -28.54 -33.58 4.05
C GLY A 741 -28.05 -33.80 2.64
N ARG A 742 -28.75 -33.28 1.64
CA ARG A 742 -28.32 -33.39 0.25
C ARG A 742 -27.36 -32.28 -0.16
N VAL A 743 -27.58 -31.05 0.30
CA VAL A 743 -26.78 -29.92 -0.15
C VAL A 743 -25.75 -29.49 0.88
N ALA A 744 -25.75 -30.09 2.07
CA ALA A 744 -24.81 -29.66 3.12
C ALA A 744 -23.34 -29.91 2.83
N PRO A 745 -22.90 -31.08 2.31
CA PRO A 745 -21.46 -31.23 2.00
C PRO A 745 -20.90 -30.30 0.93
N SER A 746 -21.68 -29.94 -0.10
CA SER A 746 -21.16 -29.02 -1.11
C SER A 746 -21.02 -27.61 -0.56
N MET A 747 -21.97 -27.17 0.25
CA MET A 747 -21.89 -25.87 0.89
C MET A 747 -20.95 -25.87 2.09
N LEU A 748 -20.53 -27.03 2.57
CA LEU A 748 -19.37 -27.11 3.46
C LEU A 748 -18.07 -26.99 2.69
N LEU A 749 -18.02 -27.60 1.49
CA LEU A 749 -16.83 -27.56 0.63
C LEU A 749 -16.50 -26.14 0.18
N CYS A 750 -17.54 -25.38 -0.20
CA CYS A 750 -17.33 -24.02 -0.71
C CYS A 750 -16.80 -23.09 0.38
N SER A 751 -17.39 -23.15 1.57
CA SER A 751 -16.93 -22.29 2.66
C SER A 751 -15.58 -22.74 3.19
N LEU A 752 -15.31 -24.04 3.20
CA LEU A 752 -14.02 -24.53 3.65
C LEU A 752 -12.90 -24.16 2.68
N SER A 753 -13.18 -24.21 1.37
CA SER A 753 -12.20 -23.79 0.38
C SER A 753 -11.95 -22.29 0.43
N GLU A 754 -13.00 -21.49 0.67
CA GLU A 754 -12.82 -20.05 0.81
C GLU A 754 -12.02 -19.69 2.06
N ALA A 755 -12.29 -20.37 3.17
CA ALA A 755 -11.53 -20.12 4.40
C ALA A 755 -10.08 -20.55 4.27
N ILE A 756 -9.83 -21.69 3.61
CA ILE A 756 -8.46 -22.16 3.41
C ILE A 756 -7.70 -21.24 2.46
N CYS A 757 -8.40 -20.70 1.44
CA CYS A 757 -7.75 -19.76 0.53
C CYS A 757 -7.42 -18.45 1.22
N PHE A 758 -8.31 -17.95 2.10
CA PHE A 758 -8.03 -16.73 2.85
C PHE A 758 -6.87 -16.92 3.84
N PHE A 759 -6.84 -18.07 4.52
CA PHE A 759 -5.76 -18.32 5.47
C PHE A 759 -4.43 -18.56 4.77
N LEU A 760 -4.45 -19.16 3.57
CA LEU A 760 -3.21 -19.29 2.82
C LEU A 760 -2.77 -17.96 2.24
N GLY A 761 -3.72 -17.08 1.93
CA GLY A 761 -3.38 -15.74 1.48
C GLY A 761 -2.96 -14.80 2.58
N ALA A 762 -3.16 -15.19 3.84
CA ALA A 762 -2.66 -14.43 4.99
C ALA A 762 -1.19 -14.67 5.33
N LEU A 763 -0.41 -15.29 4.45
CA LEU A 763 1.04 -15.43 4.63
C LEU A 763 1.82 -14.28 4.02
N THR A 764 1.14 -13.23 3.58
CA THR A 764 1.80 -12.08 2.99
C THR A 764 2.62 -11.32 4.04
N PRO A 765 3.71 -10.66 3.63
CA PRO A 765 4.46 -9.86 4.59
C PRO A 765 3.72 -8.63 5.08
N MET A 766 2.78 -8.11 4.31
CA MET A 766 2.14 -6.84 4.65
C MET A 766 1.13 -7.02 5.77
N PRO A 767 1.21 -6.23 6.84
CA PRO A 767 0.26 -6.41 7.95
C PRO A 767 -1.16 -6.00 7.62
N ALA A 768 -1.34 -4.99 6.77
CA ALA A 768 -2.67 -4.54 6.39
C ALA A 768 -3.40 -5.57 5.53
N VAL A 769 -2.65 -6.38 4.78
CA VAL A 769 -3.26 -7.47 4.03
C VAL A 769 -3.42 -8.71 4.89
N ARG A 770 -2.51 -8.94 5.84
CA ARG A 770 -2.53 -10.12 6.68
C ARG A 770 -3.72 -10.09 7.64
N THR A 771 -3.99 -8.93 8.25
CA THR A 771 -5.13 -8.81 9.15
C THR A 771 -6.45 -8.90 8.41
N PHE A 772 -6.49 -8.38 7.17
CA PHE A 772 -7.67 -8.46 6.33
C PHE A 772 -7.98 -9.90 5.94
N ALA A 773 -6.93 -10.66 5.60
CA ALA A 773 -7.10 -12.07 5.23
C ALA A 773 -7.55 -12.92 6.43
N LEU A 774 -6.98 -12.64 7.62
CA LEU A 774 -7.38 -13.37 8.82
C LEU A 774 -8.81 -13.06 9.23
N THR A 775 -9.23 -11.79 9.13
CA THR A 775 -10.59 -11.40 9.44
C THR A 775 -11.60 -12.00 8.46
N SER A 776 -11.24 -12.05 7.17
CA SER A 776 -12.13 -12.62 6.18
C SER A 776 -12.28 -14.14 6.35
N GLY A 777 -11.18 -14.84 6.67
CA GLY A 777 -11.27 -16.27 6.91
C GLY A 777 -12.08 -16.63 8.16
N LEU A 778 -11.89 -15.86 9.24
CA LEU A 778 -12.66 -16.10 10.44
C LEU A 778 -14.14 -15.75 10.25
N ALA A 779 -14.42 -14.72 9.45
CA ALA A 779 -15.81 -14.37 9.15
C ALA A 779 -16.49 -15.43 8.31
N VAL A 780 -15.77 -16.05 7.38
CA VAL A 780 -16.36 -17.12 6.57
C VAL A 780 -16.62 -18.37 7.40
N ILE A 781 -15.72 -18.70 8.34
CA ILE A 781 -15.90 -19.87 9.21
C ILE A 781 -17.07 -19.66 10.16
N LEU A 782 -17.16 -18.45 10.76
CA LEU A 782 -18.29 -18.13 11.64
C LEU A 782 -19.59 -18.04 10.88
N ASP A 783 -19.54 -17.64 9.60
CA ASP A 783 -20.75 -17.59 8.78
C ASP A 783 -21.29 -18.98 8.48
N PHE A 784 -20.40 -19.94 8.19
CA PHE A 784 -20.84 -21.32 7.97
C PHE A 784 -21.39 -21.94 9.26
N LEU A 785 -20.73 -21.66 10.40
CA LEU A 785 -21.23 -22.17 11.67
C LEU A 785 -22.56 -21.52 12.06
N LEU A 786 -22.79 -20.28 11.66
CA LEU A 786 -24.07 -19.64 11.94
C LEU A 786 -25.17 -20.16 11.04
N GLN A 787 -24.86 -20.43 9.76
CA GLN A 787 -25.92 -20.91 8.88
C GLN A 787 -26.17 -22.41 8.98
N MET A 788 -25.31 -23.17 9.66
CA MET A 788 -25.68 -24.54 10.00
C MET A 788 -26.70 -24.61 11.12
N SER A 789 -26.74 -23.62 12.01
CA SER A 789 -27.61 -23.71 13.19
C SER A 789 -28.72 -22.68 13.19
N ALA A 790 -28.39 -21.38 13.17
CA ALA A 790 -29.39 -20.35 13.38
C ALA A 790 -30.30 -20.19 12.17
N PHE A 791 -29.73 -20.30 10.96
CA PHE A 791 -30.58 -20.21 9.78
C PHE A 791 -31.46 -21.44 9.61
N VAL A 792 -30.98 -22.61 10.01
CA VAL A 792 -31.81 -23.82 9.95
C VAL A 792 -32.95 -23.73 10.95
N ALA A 793 -32.68 -23.16 12.14
CA ALA A 793 -33.73 -22.95 13.13
C ALA A 793 -34.75 -21.92 12.66
N LEU A 794 -34.28 -20.84 12.04
CA LEU A 794 -35.19 -19.82 11.52
C LEU A 794 -36.01 -20.34 10.34
N LEU A 795 -35.42 -21.18 9.49
CA LEU A 795 -36.16 -21.76 8.38
C LEU A 795 -37.16 -22.79 8.86
N SER A 796 -36.84 -23.49 9.95
CA SER A 796 -37.82 -24.39 10.54
C SER A 796 -38.95 -23.61 11.21
N LEU A 797 -38.64 -22.42 11.71
CA LEU A 797 -39.67 -21.62 12.37
C LEU A 797 -40.62 -20.96 11.37
N ASP A 798 -40.08 -20.29 10.35
CA ASP A 798 -40.97 -19.56 9.45
C ASP A 798 -41.72 -20.46 8.47
N SER A 799 -41.28 -21.70 8.30
CA SER A 799 -42.01 -22.66 7.48
C SER A 799 -43.06 -23.41 8.27
N LYS A 800 -43.18 -23.13 9.57
CA LYS A 800 -44.27 -23.69 10.37
C LYS A 800 -45.45 -22.75 10.49
N ARG A 801 -45.27 -21.47 10.17
CA ARG A 801 -46.39 -20.55 10.01
C ARG A 801 -46.91 -20.53 8.58
N GLN A 802 -46.25 -21.23 7.66
CA GLN A 802 -46.68 -21.25 6.27
C GLN A 802 -47.74 -22.32 6.01
N GLU A 803 -47.71 -23.43 6.75
CA GLU A 803 -48.86 -24.35 6.69
C GLU A 803 -50.07 -23.73 7.38
N ALA A 804 -49.82 -22.92 8.40
CA ALA A 804 -50.84 -21.99 8.87
C ALA A 804 -50.98 -20.85 7.87
N SER A 805 -52.04 -20.05 8.03
CA SER A 805 -52.30 -18.96 7.12
C SER A 805 -51.70 -17.64 7.58
N ARG A 806 -50.66 -17.68 8.40
CA ARG A 806 -50.05 -16.46 8.90
C ARG A 806 -49.29 -15.73 7.80
N LEU A 807 -49.32 -14.40 7.87
CA LEU A 807 -48.62 -13.57 6.91
C LEU A 807 -47.12 -13.58 7.19
N ASP A 808 -46.36 -13.00 6.26
CA ASP A 808 -44.90 -13.11 6.26
C ASP A 808 -44.21 -12.42 7.43
N VAL A 809 -44.27 -11.09 7.47
CA VAL A 809 -43.64 -10.33 8.55
C VAL A 809 -44.66 -9.80 9.54
N CYS A 810 -45.91 -9.59 9.11
CA CYS A 810 -47.01 -9.28 10.00
C CYS A 810 -47.74 -10.55 10.45
N CYS A 811 -46.98 -11.49 10.99
CA CYS A 811 -47.47 -12.80 11.38
C CYS A 811 -48.03 -12.83 12.78
N CYS A 812 -48.07 -11.68 13.46
CA CYS A 812 -48.64 -11.62 14.80
C CYS A 812 -50.14 -11.87 14.77
N VAL A 813 -50.81 -11.46 13.70
CA VAL A 813 -52.25 -11.53 13.57
C VAL A 813 -52.61 -11.79 12.11
N LYS A 814 -53.91 -11.78 11.83
CA LYS A 814 -54.50 -11.86 10.50
C LYS A 814 -54.22 -13.17 9.74
N PRO A 815 -54.78 -14.31 10.19
CA PRO A 815 -54.78 -15.50 9.33
C PRO A 815 -56.01 -15.53 8.43
N GLN A 816 -55.84 -15.83 7.15
CA GLN A 816 -56.89 -15.64 6.17
C GLN A 816 -57.20 -17.01 5.54
N GLU A 817 -58.14 -17.05 4.57
CA GLU A 817 -58.58 -18.29 3.96
C GLU A 817 -57.48 -18.98 3.17
N LEU A 818 -56.79 -18.23 2.29
CA LEU A 818 -55.61 -18.72 1.55
C LEU A 818 -55.90 -19.89 0.63
N PRO A 819 -56.42 -19.64 -0.58
CA PRO A 819 -56.53 -20.71 -1.57
C PRO A 819 -55.17 -21.30 -1.92
N PRO A 820 -55.12 -22.58 -2.28
CA PRO A 820 -53.89 -23.34 -2.12
C PRO A 820 -52.88 -23.04 -3.21
N PRO A 821 -51.60 -23.28 -2.97
CA PRO A 821 -50.58 -23.03 -3.98
C PRO A 821 -50.50 -24.17 -5.00
N GLY A 822 -49.75 -23.91 -6.04
CA GLY A 822 -49.55 -24.89 -7.10
C GLY A 822 -48.08 -25.10 -7.39
N GLN A 823 -47.78 -26.28 -7.94
CA GLN A 823 -46.41 -26.66 -8.25
C GLN A 823 -46.11 -26.38 -9.73
N GLY A 824 -46.16 -25.10 -10.06
CA GLY A 824 -45.96 -24.66 -11.43
C GLY A 824 -44.52 -24.55 -11.89
N GLU A 825 -43.56 -24.87 -11.02
CA GLU A 825 -42.12 -24.91 -11.22
C GLU A 825 -41.47 -23.52 -11.23
N GLY A 826 -42.23 -22.45 -11.05
CA GLY A 826 -41.66 -21.12 -11.08
C GLY A 826 -41.36 -20.65 -12.48
N LEU A 827 -40.55 -19.59 -12.52
CA LEU A 827 -40.16 -18.92 -13.76
C LEU A 827 -38.70 -19.15 -14.10
N LEU A 828 -37.83 -19.02 -13.10
CA LEU A 828 -36.40 -19.23 -13.31
C LEU A 828 -36.08 -20.67 -13.65
N LEU A 829 -36.54 -21.60 -12.81
CA LEU A 829 -36.24 -23.01 -13.03
C LEU A 829 -37.03 -23.56 -14.21
N GLY A 830 -38.33 -23.28 -14.23
CA GLY A 830 -39.20 -23.90 -15.21
C GLY A 830 -39.10 -23.31 -16.59
N PHE A 831 -39.36 -22.02 -16.72
CA PHE A 831 -39.56 -21.47 -18.05
C PHE A 831 -38.24 -21.21 -18.77
N PHE A 832 -37.34 -20.45 -18.15
CA PHE A 832 -36.20 -19.97 -18.93
C PHE A 832 -35.14 -21.04 -19.10
N GLN A 833 -34.83 -21.79 -18.04
CA GLN A 833 -33.75 -22.77 -18.14
C GLN A 833 -34.14 -23.97 -18.99
N LYS A 834 -35.44 -24.25 -19.11
CA LYS A 834 -35.94 -25.18 -20.10
C LYS A 834 -36.25 -24.52 -21.43
N ALA A 835 -35.86 -23.25 -21.61
CA ALA A 835 -35.77 -22.60 -22.92
C ALA A 835 -34.41 -21.96 -23.16
N TYR A 836 -33.49 -22.05 -22.19
CA TYR A 836 -32.10 -21.66 -22.33
C TYR A 836 -31.18 -22.85 -22.50
N ALA A 837 -31.46 -23.95 -21.77
CA ALA A 837 -30.77 -25.21 -21.99
C ALA A 837 -30.90 -25.77 -23.40
N PRO A 838 -32.04 -25.69 -24.10
CA PRO A 838 -32.04 -26.02 -25.54
C PRO A 838 -31.13 -25.16 -26.40
N PHE A 839 -30.93 -23.89 -26.04
CA PHE A 839 -30.04 -23.05 -26.83
C PHE A 839 -28.58 -23.44 -26.60
N LEU A 840 -28.20 -23.65 -25.34
CA LEU A 840 -26.79 -23.82 -25.01
C LEU A 840 -26.27 -25.19 -25.44
N LEU A 841 -27.13 -26.20 -25.40
CA LEU A 841 -26.71 -27.56 -25.74
C LEU A 841 -27.11 -27.94 -27.15
N HIS A 842 -27.30 -26.96 -28.04
CA HIS A 842 -27.37 -27.26 -29.45
C HIS A 842 -25.99 -27.68 -29.95
N TRP A 843 -25.97 -28.42 -31.06
CA TRP A 843 -24.71 -28.93 -31.59
C TRP A 843 -23.86 -27.81 -32.19
N ILE A 844 -24.47 -26.73 -32.65
CA ILE A 844 -23.69 -25.61 -33.19
C ILE A 844 -23.25 -24.65 -32.10
N THR A 845 -23.97 -24.59 -30.99
CA THR A 845 -23.55 -23.73 -29.89
C THR A 845 -22.36 -24.32 -29.14
N ARG A 846 -22.25 -25.65 -29.09
CA ARG A 846 -21.22 -26.30 -28.28
C ARG A 846 -19.84 -26.11 -28.88
N GLY A 847 -19.69 -26.34 -30.18
CA GLY A 847 -18.39 -26.16 -30.83
C GLY A 847 -17.97 -24.70 -30.89
N VAL A 848 -18.94 -23.80 -31.06
CA VAL A 848 -18.68 -22.37 -31.07
C VAL A 848 -18.22 -21.90 -29.68
N VAL A 849 -18.84 -22.44 -28.63
CA VAL A 849 -18.45 -22.09 -27.27
C VAL A 849 -17.08 -22.64 -26.93
N LEU A 850 -16.76 -23.84 -27.44
CA LEU A 850 -15.46 -24.46 -27.20
C LEU A 850 -14.33 -23.68 -27.88
N LEU A 851 -14.48 -23.38 -29.17
CA LEU A 851 -13.42 -22.67 -29.85
C LEU A 851 -13.45 -21.16 -29.60
N LEU A 852 -14.46 -20.64 -28.91
CA LEU A 852 -14.38 -19.29 -28.40
C LEU A 852 -13.69 -19.22 -27.04
N PHE A 853 -13.97 -20.18 -26.15
CA PHE A 853 -13.32 -20.17 -24.85
C PHE A 853 -11.85 -20.54 -24.93
N LEU A 854 -11.47 -21.42 -25.87
CA LEU A 854 -10.06 -21.74 -26.06
C LEU A 854 -9.28 -20.55 -26.61
N ALA A 855 -9.90 -19.79 -27.53
CA ALA A 855 -9.25 -18.59 -28.07
C ALA A 855 -9.14 -17.51 -27.00
N LEU A 856 -10.14 -17.39 -26.14
CA LEU A 856 -10.07 -16.44 -25.03
C LEU A 856 -8.98 -16.82 -24.03
N PHE A 857 -8.82 -18.12 -23.78
CA PHE A 857 -7.74 -18.60 -22.91
C PHE A 857 -6.37 -18.32 -23.51
N GLY A 858 -6.22 -18.53 -24.82
CA GLY A 858 -4.94 -18.24 -25.47
C GLY A 858 -4.61 -16.77 -25.50
N VAL A 859 -5.64 -15.92 -25.71
CA VAL A 859 -5.42 -14.47 -25.73
C VAL A 859 -5.07 -13.96 -24.34
N SER A 860 -5.71 -14.49 -23.29
CA SER A 860 -5.36 -14.09 -21.93
C SER A 860 -3.98 -14.60 -21.53
N LEU A 861 -3.60 -15.79 -22.02
CA LEU A 861 -2.27 -16.34 -21.76
C LEU A 861 -1.18 -15.49 -22.42
N TYR A 862 -1.44 -14.98 -23.63
CA TYR A 862 -0.50 -14.04 -24.23
C TYR A 862 -0.48 -12.72 -23.47
N SER A 863 -1.65 -12.22 -23.07
CA SER A 863 -1.75 -10.86 -22.56
C SER A 863 -1.39 -10.72 -21.09
N MET A 864 -1.19 -11.83 -20.36
CA MET A 864 -0.76 -11.66 -18.97
C MET A 864 0.69 -11.22 -18.84
N CYS A 865 1.51 -11.43 -19.88
CA CYS A 865 2.93 -11.09 -19.82
C CYS A 865 3.20 -9.60 -19.87
N HIS A 866 2.23 -8.78 -20.27
CA HIS A 866 2.39 -7.34 -20.32
C HIS A 866 1.88 -6.66 -19.05
N ILE A 867 1.99 -7.32 -17.92
CA ILE A 867 1.46 -6.82 -16.66
C ILE A 867 2.56 -6.07 -15.93
N SER A 868 2.16 -5.05 -15.17
CA SER A 868 3.10 -4.20 -14.47
C SER A 868 3.08 -4.50 -12.98
N VAL A 869 4.27 -4.74 -12.42
CA VAL A 869 4.42 -5.10 -11.01
C VAL A 869 4.70 -3.83 -10.21
N GLY A 870 3.90 -3.60 -9.18
CA GLY A 870 4.09 -2.45 -8.33
C GLY A 870 2.80 -1.78 -7.95
N LEU A 871 2.86 -0.80 -7.06
CA LEU A 871 1.69 -0.03 -6.66
C LEU A 871 2.09 1.43 -6.60
N ASP A 872 1.52 2.24 -7.49
CA ASP A 872 1.78 3.68 -7.46
C ASP A 872 1.15 4.29 -6.22
N GLN A 873 1.86 5.26 -5.63
CA GLN A 873 1.37 5.89 -4.41
C GLN A 873 0.16 6.79 -4.69
N GLU A 874 0.06 7.31 -5.92
CA GLU A 874 -1.07 8.15 -6.31
C GLU A 874 -2.39 7.39 -6.34
N LEU A 875 -2.35 6.08 -6.55
CA LEU A 875 -3.53 5.23 -6.44
C LEU A 875 -4.01 5.04 -5.00
N ALA A 876 -3.18 5.33 -4.00
CA ALA A 876 -3.59 5.19 -2.61
C ALA A 876 -4.37 6.39 -2.10
N LEU A 877 -4.52 7.44 -2.90
CA LEU A 877 -5.13 8.69 -2.49
C LEU A 877 -6.54 8.83 -3.08
N PRO A 878 -7.41 9.60 -2.44
CA PRO A 878 -8.69 9.93 -3.06
C PRO A 878 -8.51 10.83 -4.27
N LYS A 879 -9.53 10.87 -5.12
CA LYS A 879 -9.44 11.68 -6.34
C LYS A 879 -9.49 13.16 -6.02
N ASP A 880 -10.21 13.55 -4.97
CA ASP A 880 -10.32 14.96 -4.58
C ASP A 880 -9.27 15.30 -3.53
N SER A 881 -8.01 15.07 -3.87
CA SER A 881 -6.91 15.24 -2.95
C SER A 881 -5.99 16.36 -3.40
N TYR A 882 -5.48 17.13 -2.44
CA TYR A 882 -4.49 18.16 -2.74
C TYR A 882 -3.09 17.58 -2.92
N LEU A 883 -2.88 16.32 -2.55
CA LEU A 883 -1.57 15.69 -2.71
C LEU A 883 -1.31 15.29 -4.16
N LEU A 884 -2.37 15.11 -4.95
CA LEU A 884 -2.21 14.70 -6.35
C LEU A 884 -1.58 15.80 -7.19
N ASP A 885 -1.97 17.06 -6.93
CA ASP A 885 -1.37 18.19 -7.63
C ASP A 885 0.08 18.38 -7.22
N TYR A 886 0.39 18.09 -5.95
CA TYR A 886 1.78 18.13 -5.49
C TYR A 886 2.62 17.05 -6.17
N PHE A 887 2.06 15.85 -6.32
CA PHE A 887 2.81 14.78 -6.97
C PHE A 887 3.00 15.05 -8.44
N LEU A 888 2.03 15.72 -9.07
CA LEU A 888 2.18 16.17 -10.46
C LEU A 888 3.29 17.19 -10.61
N PHE A 889 3.33 18.19 -9.72
CA PHE A 889 4.36 19.22 -9.80
C PHE A 889 5.74 18.67 -9.41
N LEU A 890 5.78 17.72 -8.49
CA LEU A 890 7.04 17.11 -8.10
C LEU A 890 7.59 16.23 -9.20
N ASN A 891 6.74 15.47 -9.88
CA ASN A 891 7.22 14.66 -10.98
C ASN A 891 7.56 15.49 -12.20
N ARG A 892 6.97 16.69 -12.35
CA ARG A 892 7.27 17.49 -13.52
C ARG A 892 8.43 18.45 -13.33
N TYR A 893 8.72 18.91 -12.12
CA TYR A 893 9.62 20.04 -11.93
C TYR A 893 10.89 19.76 -11.13
N PHE A 894 10.96 18.65 -10.39
CA PHE A 894 12.15 18.37 -9.60
C PHE A 894 13.25 17.77 -10.45
N GLU A 895 14.50 18.12 -10.13
CA GLU A 895 15.66 17.65 -10.87
C GLU A 895 16.37 16.49 -10.20
N VAL A 896 16.14 16.25 -8.91
CA VAL A 896 16.74 15.13 -8.21
C VAL A 896 15.68 14.42 -7.39
N GLY A 897 15.98 13.19 -7.01
CA GLY A 897 15.11 12.39 -6.18
C GLY A 897 15.47 12.54 -4.71
N ALA A 898 15.02 11.58 -3.93
CA ALA A 898 15.32 11.59 -2.51
C ALA A 898 16.80 11.28 -2.27
N PRO A 899 17.38 11.80 -1.19
CA PRO A 899 18.76 11.46 -0.87
C PRO A 899 18.90 10.00 -0.46
N VAL A 900 20.07 9.43 -0.79
CA VAL A 900 20.39 8.05 -0.44
C VAL A 900 21.72 8.06 0.31
N TYR A 901 21.78 7.34 1.43
CA TYR A 901 22.98 7.27 2.24
C TYR A 901 23.61 5.90 2.07
N PHE A 902 24.86 5.86 1.64
CA PHE A 902 25.64 4.64 1.64
C PHE A 902 26.29 4.51 3.01
N VAL A 903 25.79 3.57 3.81
CA VAL A 903 26.17 3.43 5.20
C VAL A 903 27.20 2.33 5.31
N THR A 904 28.32 2.64 5.97
CA THR A 904 29.35 1.67 6.31
C THR A 904 29.19 1.28 7.77
N THR A 905 29.07 -0.02 8.02
CA THR A 905 28.79 -0.57 9.33
C THR A 905 30.09 -0.81 10.09
N LEU A 906 30.00 -1.57 11.19
CA LEU A 906 31.16 -1.81 12.03
C LEU A 906 32.17 -2.73 11.36
N GLY A 907 33.44 -2.40 11.50
CA GLY A 907 34.49 -3.26 11.03
C GLY A 907 35.63 -2.57 10.31
N TYR A 908 35.32 -1.51 9.57
CA TYR A 908 36.34 -0.81 8.80
C TYR A 908 37.21 0.03 9.71
N ASN A 909 38.50 0.08 9.41
CA ASN A 909 39.45 0.80 10.26
C ASN A 909 39.24 2.30 10.15
N PHE A 910 39.45 2.87 8.96
CA PHE A 910 39.43 4.27 8.55
C PHE A 910 40.69 5.04 8.98
N SER A 911 41.58 4.47 9.78
CA SER A 911 42.72 5.19 10.33
C SER A 911 44.03 4.83 9.68
N SER A 912 44.17 3.61 9.18
CA SER A 912 45.34 3.25 8.41
C SER A 912 45.32 3.99 7.06
N GLU A 913 46.50 4.10 6.46
CA GLU A 913 46.60 4.75 5.16
C GLU A 913 45.94 3.91 4.07
N ALA A 914 45.98 2.58 4.21
CA ALA A 914 45.32 1.72 3.25
C ALA A 914 43.81 1.82 3.35
N GLY A 915 43.29 2.11 4.55
CA GLY A 915 41.85 2.31 4.68
C GLY A 915 41.38 3.65 4.18
N MET A 916 42.25 4.66 4.23
CA MET A 916 41.92 5.97 3.70
C MET A 916 42.08 6.04 2.19
N ASN A 917 43.01 5.26 1.62
CA ASN A 917 43.20 5.26 0.18
C ASN A 917 42.06 4.57 -0.54
N ALA A 918 41.36 3.65 0.13
CA ALA A 918 40.24 2.96 -0.48
C ALA A 918 38.93 3.72 -0.37
N ILE A 919 38.94 4.92 0.23
CA ILE A 919 37.77 5.77 0.34
C ILE A 919 37.91 7.03 -0.50
N CYS A 920 39.13 7.36 -0.93
CA CYS A 920 39.51 8.63 -1.54
C CYS A 920 38.83 8.86 -2.89
N SER A 921 39.09 10.05 -3.43
CA SER A 921 38.83 10.34 -4.83
C SER A 921 39.91 11.18 -5.47
N SER A 922 40.99 11.50 -4.78
CA SER A 922 42.02 12.37 -5.32
C SER A 922 43.26 12.30 -4.43
N ALA A 923 44.36 12.87 -4.93
CA ALA A 923 45.61 13.04 -4.18
C ALA A 923 46.24 11.69 -3.81
N GLY A 924 46.60 10.93 -4.84
CA GLY A 924 47.38 9.71 -4.66
C GLY A 924 46.68 8.58 -3.94
N CYS A 925 45.43 8.33 -4.30
CA CYS A 925 44.64 7.25 -3.71
C CYS A 925 44.30 6.24 -4.80
N ASN A 926 43.45 5.27 -4.46
CA ASN A 926 43.25 4.10 -5.31
C ASN A 926 42.46 4.44 -6.58
N ASN A 927 42.67 3.63 -7.62
CA ASN A 927 42.09 3.91 -8.92
C ASN A 927 40.58 3.72 -8.94
N PHE A 928 40.06 2.76 -8.17
CA PHE A 928 38.63 2.47 -8.13
C PHE A 928 38.22 2.43 -6.66
N SER A 929 37.90 3.59 -6.12
CA SER A 929 37.60 3.74 -4.70
C SER A 929 36.10 3.70 -4.48
N PHE A 930 35.69 4.04 -3.25
CA PHE A 930 34.27 4.18 -2.91
C PHE A 930 33.65 5.31 -3.72
N THR A 931 34.16 6.53 -3.53
CA THR A 931 33.53 7.72 -4.07
C THR A 931 33.71 7.82 -5.57
N GLN A 932 34.83 7.31 -6.10
CA GLN A 932 34.98 7.29 -7.56
C GLN A 932 34.04 6.28 -8.21
N LYS A 933 33.74 5.18 -7.51
CA LYS A 933 32.73 4.24 -7.98
C LYS A 933 31.35 4.89 -8.00
N ILE A 934 31.01 5.66 -6.97
CA ILE A 934 29.72 6.35 -6.95
C ILE A 934 29.66 7.46 -8.00
N GLN A 935 30.78 8.14 -8.24
CA GLN A 935 30.81 9.22 -9.23
C GLN A 935 30.68 8.65 -10.65
N TYR A 936 31.34 7.52 -10.92
CA TYR A 936 31.18 6.87 -12.21
C TYR A 936 29.77 6.29 -12.36
N ALA A 937 29.14 5.90 -11.26
CA ALA A 937 27.72 5.52 -11.32
C ALA A 937 26.84 6.72 -11.65
N THR A 938 27.18 7.90 -11.14
CA THR A 938 26.42 9.10 -11.45
C THR A 938 26.67 9.62 -12.86
N GLU A 939 27.74 9.19 -13.52
CA GLU A 939 27.95 9.57 -14.91
C GLU A 939 27.00 8.87 -15.89
N PHE A 940 26.35 7.78 -15.48
CA PHE A 940 25.37 7.07 -16.31
C PHE A 940 24.08 6.95 -15.53
N PRO A 941 23.27 8.02 -15.48
CA PRO A 941 22.09 8.03 -14.61
C PRO A 941 20.89 7.24 -15.13
N GLU A 942 20.98 6.57 -16.28
CA GLU A 942 19.93 5.65 -16.69
C GLU A 942 20.23 4.21 -16.30
N GLN A 943 21.50 3.84 -16.19
CA GLN A 943 21.85 2.51 -15.70
C GLN A 943 21.75 2.47 -14.18
N SER A 944 22.54 3.29 -13.49
CA SER A 944 22.31 3.57 -12.09
C SER A 944 21.17 4.57 -11.97
N TYR A 945 20.75 4.86 -10.76
CA TYR A 945 19.68 5.84 -10.59
C TYR A 945 20.14 6.98 -9.70
N LEU A 946 21.42 7.33 -9.80
CA LEU A 946 22.03 8.40 -9.01
C LEU A 946 22.30 9.59 -9.92
N ALA A 947 21.98 10.79 -9.42
CA ALA A 947 22.19 12.01 -10.17
C ALA A 947 23.32 12.87 -9.62
N ILE A 948 23.52 12.87 -8.31
CA ILE A 948 24.54 13.69 -7.65
C ILE A 948 25.52 12.75 -6.97
N PRO A 949 26.83 12.97 -7.12
CA PRO A 949 27.80 12.08 -6.48
C PRO A 949 27.84 12.28 -4.97
N ALA A 950 28.36 11.26 -4.29
CA ALA A 950 28.39 11.26 -2.83
C ALA A 950 29.42 12.24 -2.30
N SER A 951 29.10 12.85 -1.16
CA SER A 951 30.00 13.75 -0.46
C SER A 951 30.69 12.97 0.66
N SER A 952 32.01 12.98 0.65
CA SER A 952 32.80 12.15 1.54
C SER A 952 33.39 12.98 2.68
N TRP A 953 33.21 12.51 3.91
CA TRP A 953 33.87 13.15 5.04
C TRP A 953 35.35 12.87 5.06
N VAL A 954 35.79 11.76 4.46
CA VAL A 954 37.20 11.39 4.47
C VAL A 954 38.00 12.33 3.60
N ASP A 955 37.49 12.66 2.40
CA ASP A 955 38.19 13.55 1.48
C ASP A 955 38.26 14.97 2.01
N ASP A 956 37.15 15.46 2.59
CA ASP A 956 37.15 16.79 3.17
C ASP A 956 37.98 16.85 4.43
N PHE A 957 38.11 15.72 5.15
CA PHE A 957 39.03 15.69 6.28
C PHE A 957 40.48 15.70 5.82
N ILE A 958 40.77 15.07 4.67
CA ILE A 958 42.15 15.06 4.17
C ILE A 958 42.57 16.45 3.70
N ASP A 959 41.70 17.14 2.97
CA ASP A 959 42.12 18.46 2.51
C ASP A 959 41.71 19.59 3.46
N TRP A 960 41.06 19.26 4.58
CA TRP A 960 40.99 20.18 5.70
C TRP A 960 42.30 20.21 6.47
N LEU A 961 43.03 19.10 6.48
CA LEU A 961 44.32 19.00 7.16
C LEU A 961 45.47 19.53 6.33
N THR A 962 45.23 19.94 5.09
CA THR A 962 46.28 20.52 4.26
C THR A 962 46.67 21.87 4.83
N PRO A 963 47.95 22.12 5.10
CA PRO A 963 48.31 23.28 5.93
C PRO A 963 48.24 24.60 5.20
N SER A 964 47.16 25.34 5.40
CA SER A 964 47.15 26.77 5.11
C SER A 964 45.98 27.39 5.87
N SER A 965 46.27 27.91 7.08
CA SER A 965 45.34 28.74 7.86
C SER A 965 44.04 28.03 8.27
N CYS A 966 44.08 26.70 8.36
CA CYS A 966 42.86 25.91 8.46
C CYS A 966 42.82 25.09 9.74
N CYS A 967 43.86 24.31 10.01
CA CYS A 967 44.10 23.70 11.32
C CYS A 967 45.39 24.27 11.85
N ARG A 968 45.37 24.72 13.11
CA ARG A 968 46.54 25.35 13.71
C ARG A 968 46.60 24.96 15.17
N LEU A 969 47.80 25.11 15.73
CA LEU A 969 48.06 24.81 17.13
C LEU A 969 48.74 26.00 17.79
N TYR A 970 48.49 26.18 19.08
CA TYR A 970 49.09 27.27 19.82
C TYR A 970 50.60 27.04 19.99
N ILE A 971 51.36 28.12 19.99
CA ILE A 971 52.80 28.01 20.19
C ILE A 971 53.11 27.64 21.64
N SER A 972 52.53 28.37 22.59
CA SER A 972 52.71 28.13 24.01
C SER A 972 51.77 29.05 24.77
N GLY A 973 51.62 28.78 26.06
CA GLY A 973 50.75 29.57 26.91
C GLY A 973 50.09 28.73 27.98
N PRO A 974 48.96 29.20 28.51
CA PRO A 974 48.15 28.35 29.39
C PRO A 974 47.59 27.14 28.68
N ASN A 975 47.27 27.26 27.40
CA ASN A 975 46.94 26.15 26.52
C ASN A 975 48.04 25.94 25.46
N LYS A 976 48.87 24.93 25.71
CA LYS A 976 50.11 24.76 24.94
C LYS A 976 49.83 24.28 23.52
N ASP A 977 49.02 23.23 23.39
CA ASP A 977 48.79 22.64 22.08
C ASP A 977 47.33 22.24 21.90
N LYS A 978 46.40 22.98 22.51
CA LYS A 978 45.00 22.59 22.51
C LYS A 978 44.34 22.67 21.13
N PHE A 979 44.04 23.86 20.63
CA PHE A 979 43.50 24.06 19.29
C PHE A 979 43.39 25.55 18.98
N CYS A 980 43.81 25.97 17.79
CA CYS A 980 43.58 27.34 17.35
C CYS A 980 42.60 27.30 16.19
N PRO A 981 41.33 27.64 16.40
CA PRO A 981 40.38 27.67 15.28
C PRO A 981 40.67 28.83 14.33
N SER A 982 39.93 28.85 13.23
CA SER A 982 40.20 29.82 12.17
C SER A 982 39.72 31.22 12.53
N THR A 983 38.87 31.37 13.54
CA THR A 983 38.37 32.66 13.97
C THR A 983 39.25 33.34 15.01
N VAL A 984 40.52 32.96 15.11
CA VAL A 984 41.45 33.53 16.07
C VAL A 984 42.61 34.15 15.31
N ASN A 985 42.88 35.42 15.58
CA ASN A 985 44.00 36.14 14.98
C ASN A 985 45.05 36.40 16.04
N SER A 986 46.27 35.93 15.80
CA SER A 986 47.37 36.07 16.73
C SER A 986 48.63 35.52 16.06
N LEU A 987 49.78 35.86 16.66
CA LEU A 987 51.03 35.22 16.28
C LEU A 987 51.33 33.98 17.12
N ASN A 988 50.45 33.67 18.08
CA ASN A 988 50.59 32.46 18.89
C ASN A 988 50.13 31.21 18.15
N CYS A 989 49.46 31.36 17.00
CA CYS A 989 49.00 30.25 16.18
C CYS A 989 49.79 30.26 14.89
N LEU A 990 50.95 29.59 14.90
CA LEU A 990 51.80 29.54 13.73
C LEU A 990 52.12 28.12 13.28
N LYS A 991 51.86 27.10 14.10
CA LYS A 991 52.19 25.73 13.77
C LYS A 991 50.98 25.05 13.14
N ASN A 992 51.19 24.42 11.99
CA ASN A 992 50.14 23.65 11.36
C ASN A 992 49.90 22.36 12.13
N CYS A 993 48.68 21.82 11.98
CA CYS A 993 48.36 20.54 12.60
C CYS A 993 49.15 19.40 11.95
N MET A 994 49.26 19.42 10.64
CA MET A 994 50.07 18.46 9.91
C MET A 994 51.41 19.08 9.56
N SER A 995 52.19 18.39 8.75
CA SER A 995 53.47 18.91 8.29
C SER A 995 53.41 19.16 6.78
N ILE A 996 54.56 19.51 6.22
CA ILE A 996 54.67 19.86 4.81
C ILE A 996 55.72 18.88 4.28
N THR A 997 56.03 18.93 2.98
CA THR A 997 57.07 18.22 2.23
C THR A 997 56.63 16.77 1.88
N MET A 998 55.53 16.27 2.42
CA MET A 998 54.99 14.99 2.01
C MET A 998 53.83 15.20 1.05
N GLY A 999 53.89 14.51 -0.09
CA GLY A 999 52.78 14.55 -1.03
C GLY A 999 51.75 13.50 -0.67
N SER A 1000 50.47 13.82 -0.92
CA SER A 1000 49.31 13.03 -0.49
C SER A 1000 49.32 12.88 1.03
N VAL A 1001 49.07 14.01 1.70
CA VAL A 1001 49.21 14.12 3.15
C VAL A 1001 48.18 13.26 3.87
N ARG A 1002 48.67 12.24 4.55
CA ARG A 1002 47.85 11.30 5.31
C ARG A 1002 48.23 11.42 6.77
N PRO A 1003 47.28 11.65 7.68
CA PRO A 1003 47.64 11.72 9.09
C PRO A 1003 47.98 10.35 9.65
N SER A 1004 48.65 10.35 10.79
CA SER A 1004 48.94 9.11 11.50
C SER A 1004 47.68 8.61 12.23
N VAL A 1005 47.83 7.51 12.96
CA VAL A 1005 46.71 7.00 13.76
C VAL A 1005 46.43 7.92 14.93
N GLU A 1006 47.50 8.39 15.58
CA GLU A 1006 47.38 9.34 16.68
C GLU A 1006 46.85 10.68 16.20
N GLN A 1007 47.34 11.16 15.06
CA GLN A 1007 46.86 12.42 14.50
C GLN A 1007 45.42 12.32 14.01
N PHE A 1008 45.03 11.14 13.50
CA PHE A 1008 43.65 10.90 13.09
C PHE A 1008 42.70 10.93 14.28
N HIS A 1009 43.05 10.20 15.34
CA HIS A 1009 42.19 10.13 16.52
C HIS A 1009 42.18 11.43 17.30
N LYS A 1010 43.23 12.24 17.18
CA LYS A 1010 43.24 13.53 17.86
C LYS A 1010 42.58 14.63 17.05
N TYR A 1011 42.60 14.55 15.71
CA TYR A 1011 42.17 15.68 14.89
C TYR A 1011 40.79 15.51 14.30
N LEU A 1012 40.22 14.30 14.33
CA LEU A 1012 38.90 14.08 13.75
C LEU A 1012 37.75 14.83 14.43
N PRO A 1013 37.61 14.84 15.78
CA PRO A 1013 36.52 15.64 16.39
C PRO A 1013 36.64 17.14 16.19
N TRP A 1014 37.85 17.67 16.01
CA TRP A 1014 38.00 19.11 15.78
C TRP A 1014 37.51 19.46 14.38
N PHE A 1015 37.78 18.60 13.42
CA PHE A 1015 37.22 18.77 12.08
C PHE A 1015 35.71 18.62 12.11
N LEU A 1016 35.20 17.67 12.88
CA LEU A 1016 33.77 17.44 12.91
C LEU A 1016 33.01 18.52 13.66
N ASN A 1017 33.67 19.32 14.50
CA ASN A 1017 33.01 20.44 15.17
C ASN A 1017 33.35 21.80 14.59
N ASP A 1018 34.16 21.87 13.55
CA ASP A 1018 34.60 23.17 13.02
C ASP A 1018 33.53 23.81 12.17
N ARG A 1019 33.27 25.09 12.40
CA ARG A 1019 32.28 25.82 11.62
C ARG A 1019 32.96 26.52 10.47
N PRO A 1020 32.49 26.34 9.23
CA PRO A 1020 33.13 27.01 8.09
C PRO A 1020 32.87 28.51 8.09
N ASN A 1021 33.83 29.25 7.54
CA ASN A 1021 33.74 30.70 7.43
C ASN A 1021 34.63 31.14 6.27
N ILE A 1022 34.92 32.44 6.21
CA ILE A 1022 35.53 33.04 5.03
C ILE A 1022 36.99 32.60 4.87
N LYS A 1023 37.74 32.58 5.96
CA LYS A 1023 39.14 32.17 5.90
C LYS A 1023 39.32 30.69 6.17
N CYS A 1024 38.24 29.96 6.45
CA CYS A 1024 38.27 28.50 6.54
C CYS A 1024 36.92 27.99 6.08
N PRO A 1025 36.72 27.90 4.76
CA PRO A 1025 35.45 27.40 4.23
C PRO A 1025 35.42 25.89 4.03
N LYS A 1026 36.43 25.18 4.53
CA LYS A 1026 36.75 23.92 3.91
C LYS A 1026 35.83 22.79 4.37
N GLY A 1027 35.43 22.77 5.63
CA GLY A 1027 34.46 21.79 6.06
C GLY A 1027 34.29 21.79 7.56
N GLY A 1028 33.41 20.90 8.00
CA GLY A 1028 33.15 20.75 9.41
C GLY A 1028 31.78 20.21 9.79
N LEU A 1029 31.08 20.87 10.70
CA LEU A 1029 29.85 20.33 11.26
C LEU A 1029 28.63 20.64 10.40
N ALA A 1030 28.79 21.40 9.32
CA ALA A 1030 27.66 21.73 8.46
C ALA A 1030 27.17 20.50 7.71
N ALA A 1031 28.08 19.64 7.28
CA ALA A 1031 27.72 18.48 6.47
C ALA A 1031 27.97 17.15 7.15
N TYR A 1032 28.99 17.03 7.99
CA TYR A 1032 29.41 15.73 8.49
C TYR A 1032 29.37 15.64 10.01
N SER A 1033 28.70 16.55 10.70
CA SER A 1033 28.64 16.48 12.15
C SER A 1033 27.77 15.33 12.62
N THR A 1034 26.77 14.94 11.82
CA THR A 1034 25.88 13.85 12.16
C THR A 1034 26.06 12.65 11.25
N SER A 1035 27.08 12.65 10.38
CA SER A 1035 27.33 11.54 9.47
C SER A 1035 28.43 10.61 9.95
N VAL A 1036 29.04 10.89 11.10
CA VAL A 1036 30.09 10.04 11.67
C VAL A 1036 29.72 9.76 13.11
N ASN A 1037 29.65 8.48 13.47
CA ASN A 1037 29.43 8.06 14.85
C ASN A 1037 30.77 7.65 15.43
N LEU A 1038 31.14 8.26 16.55
CA LEU A 1038 32.38 7.95 17.24
C LEU A 1038 32.10 7.31 18.58
N THR A 1039 33.14 6.74 19.17
CA THR A 1039 33.06 6.11 20.48
C THR A 1039 33.71 7.00 21.53
N SER A 1040 33.79 6.48 22.76
CA SER A 1040 34.46 7.20 23.83
C SER A 1040 35.95 7.31 23.57
N ASP A 1041 36.55 6.26 22.99
CA ASP A 1041 37.97 6.31 22.67
C ASP A 1041 38.28 7.29 21.55
N GLY A 1042 37.33 7.51 20.65
CA GLY A 1042 37.55 8.32 19.48
C GLY A 1042 37.59 7.55 18.17
N GLN A 1043 37.26 6.27 18.18
CA GLN A 1043 37.21 5.48 16.97
C GLN A 1043 35.87 5.67 16.26
N VAL A 1044 35.80 5.19 15.03
CA VAL A 1044 34.62 5.37 14.17
C VAL A 1044 33.82 4.09 14.17
N LEU A 1045 32.60 4.15 14.68
CA LEU A 1045 31.73 2.98 14.68
C LEU A 1045 31.10 2.76 13.31
N ALA A 1046 30.41 3.77 12.79
CA ALA A 1046 29.73 3.66 11.52
C ALA A 1046 29.78 5.01 10.82
N SER A 1047 29.47 5.00 9.52
CA SER A 1047 29.48 6.24 8.75
C SER A 1047 28.42 6.18 7.68
N ARG A 1048 28.11 7.34 7.11
CA ARG A 1048 27.21 7.40 5.97
C ARG A 1048 27.72 8.45 4.98
N PHE A 1049 27.56 8.15 3.70
CA PHE A 1049 27.97 9.03 2.61
C PHE A 1049 26.73 9.34 1.78
N MET A 1050 26.42 10.62 1.63
CA MET A 1050 25.13 11.01 1.04
C MET A 1050 25.27 11.33 -0.44
N ALA A 1051 24.42 10.71 -1.25
CA ALA A 1051 24.27 11.02 -2.66
C ALA A 1051 22.79 11.29 -2.92
N TYR A 1052 22.45 11.57 -4.18
CA TYR A 1052 21.07 11.86 -4.53
C TYR A 1052 20.63 10.99 -5.70
N HIS A 1053 19.40 10.52 -5.64
CA HIS A 1053 18.79 9.80 -6.75
C HIS A 1053 18.37 10.76 -7.84
N LYS A 1054 18.14 10.22 -9.02
CA LYS A 1054 17.45 10.94 -10.08
C LYS A 1054 15.96 10.95 -9.78
N PRO A 1055 15.17 11.76 -10.49
CA PRO A 1055 13.72 11.82 -10.23
C PRO A 1055 13.01 10.52 -10.59
N LEU A 1056 12.32 9.96 -9.61
CA LEU A 1056 11.67 8.66 -9.73
C LEU A 1056 10.16 8.89 -9.78
N LYS A 1057 9.54 8.53 -10.90
CA LYS A 1057 8.16 8.93 -11.16
C LYS A 1057 7.14 7.84 -10.82
N ASN A 1058 7.52 6.57 -10.84
CA ASN A 1058 6.59 5.47 -10.60
C ASN A 1058 7.28 4.41 -9.76
N SER A 1059 6.52 3.37 -9.39
CA SER A 1059 7.04 2.35 -8.49
C SER A 1059 8.07 1.46 -9.18
N GLN A 1060 8.01 1.34 -10.51
CA GLN A 1060 9.05 0.62 -11.24
C GLN A 1060 10.38 1.34 -11.15
N ASP A 1061 10.34 2.68 -11.16
CA ASP A 1061 11.55 3.49 -10.99
C ASP A 1061 12.13 3.31 -9.59
N TYR A 1062 11.27 3.24 -8.57
CA TYR A 1062 11.73 3.04 -7.20
C TYR A 1062 12.35 1.66 -7.01
N THR A 1063 11.75 0.63 -7.59
CA THR A 1063 12.28 -0.72 -7.46
C THR A 1063 13.58 -0.89 -8.22
N GLU A 1064 13.68 -0.29 -9.42
CA GLU A 1064 14.92 -0.36 -10.19
C GLU A 1064 16.04 0.44 -9.53
N ALA A 1065 15.69 1.57 -8.91
CA ALA A 1065 16.69 2.37 -8.20
C ALA A 1065 17.21 1.64 -6.98
N LEU A 1066 16.32 0.94 -6.26
CA LEU A 1066 16.73 0.16 -5.09
C LEU A 1066 17.63 -1.01 -5.49
N ARG A 1067 17.30 -1.69 -6.60
CA ARG A 1067 18.13 -2.80 -7.08
C ARG A 1067 19.49 -2.33 -7.58
N ALA A 1068 19.53 -1.20 -8.28
CA ALA A 1068 20.79 -0.67 -8.79
C ALA A 1068 21.68 -0.17 -7.66
N ALA A 1069 21.10 0.48 -6.65
CA ALA A 1069 21.87 0.93 -5.49
C ALA A 1069 22.39 -0.24 -4.68
N ARG A 1070 21.62 -1.32 -4.56
CA ARG A 1070 22.08 -2.49 -3.83
C ARG A 1070 23.20 -3.21 -4.58
N GLU A 1071 23.14 -3.24 -5.92
CA GLU A 1071 24.22 -3.84 -6.71
C GLU A 1071 25.51 -3.02 -6.61
N LEU A 1072 25.38 -1.68 -6.62
CA LEU A 1072 26.55 -0.82 -6.45
C LEU A 1072 27.14 -0.95 -5.05
N ALA A 1073 26.29 -1.11 -4.04
CA ALA A 1073 26.77 -1.30 -2.68
C ALA A 1073 27.48 -2.64 -2.51
N ALA A 1074 26.99 -3.69 -3.18
CA ALA A 1074 27.67 -4.98 -3.13
C ALA A 1074 29.02 -4.94 -3.84
N ASN A 1075 29.10 -4.23 -4.97
CA ASN A 1075 30.37 -4.03 -5.67
C ASN A 1075 31.34 -3.22 -4.82
N ILE A 1076 30.83 -2.26 -4.05
CA ILE A 1076 31.68 -1.52 -3.13
C ILE A 1076 32.18 -2.40 -1.99
N THR A 1077 31.30 -3.23 -1.42
CA THR A 1077 31.64 -4.02 -0.25
C THR A 1077 32.66 -5.11 -0.57
N ALA A 1078 32.57 -5.69 -1.77
CA ALA A 1078 33.53 -6.71 -2.18
C ALA A 1078 34.93 -6.14 -2.37
N ASP A 1079 35.04 -4.86 -2.72
CA ASP A 1079 36.35 -4.21 -2.80
C ASP A 1079 36.83 -3.73 -1.45
N LEU A 1080 35.92 -3.27 -0.59
CA LEU A 1080 36.34 -2.75 0.71
C LEU A 1080 36.76 -3.87 1.65
N ARG A 1081 36.26 -5.09 1.44
CA ARG A 1081 36.67 -6.21 2.29
C ARG A 1081 38.10 -6.68 2.00
N LYS A 1082 38.67 -6.33 0.85
CA LYS A 1082 40.03 -6.72 0.51
C LYS A 1082 41.10 -5.92 1.23
N VAL A 1083 40.74 -4.83 1.89
CA VAL A 1083 41.71 -4.01 2.62
C VAL A 1083 42.23 -4.78 3.82
N PRO A 1084 43.54 -4.85 4.04
CA PRO A 1084 44.08 -5.73 5.09
C PRO A 1084 43.79 -5.22 6.50
N GLY A 1085 42.86 -5.88 7.17
CA GLY A 1085 42.44 -5.46 8.49
C GLY A 1085 40.93 -5.45 8.66
N THR A 1086 40.22 -5.26 7.56
CA THR A 1086 38.76 -5.23 7.62
C THR A 1086 38.22 -6.63 7.88
N ASP A 1087 37.46 -6.78 8.96
CA ASP A 1087 36.95 -8.08 9.33
C ASP A 1087 35.84 -8.52 8.38
N PRO A 1088 35.55 -9.81 8.34
CA PRO A 1088 34.36 -10.28 7.61
C PRO A 1088 33.09 -9.79 8.28
N ALA A 1089 32.01 -9.79 7.49
CA ALA A 1089 30.65 -9.33 7.78
C ALA A 1089 30.52 -7.81 7.79
N PHE A 1090 31.59 -7.06 7.51
CA PHE A 1090 31.46 -5.64 7.21
C PHE A 1090 30.70 -5.49 5.90
N GLU A 1091 29.76 -4.55 5.87
CA GLU A 1091 29.01 -4.32 4.65
C GLU A 1091 28.71 -2.84 4.50
N VAL A 1092 28.42 -2.45 3.28
CA VAL A 1092 27.96 -1.11 2.94
C VAL A 1092 26.57 -1.25 2.33
N PHE A 1093 25.60 -0.53 2.89
CA PHE A 1093 24.27 -0.67 2.31
C PHE A 1093 23.67 0.69 2.00
N PRO A 1094 22.81 0.78 0.98
CA PRO A 1094 22.10 2.02 0.70
C PRO A 1094 20.82 2.14 1.51
N TYR A 1095 20.61 3.33 2.06
CA TYR A 1095 19.43 3.66 2.83
C TYR A 1095 18.71 4.82 2.20
N THR A 1096 17.43 4.64 1.92
CA THR A 1096 16.54 5.68 1.45
C THR A 1096 15.27 5.59 2.29
N ILE A 1097 14.57 6.72 2.42
CA ILE A 1097 13.38 6.78 3.26
C ILE A 1097 12.22 5.95 2.71
N THR A 1098 12.19 5.71 1.40
CA THR A 1098 11.12 4.95 0.76
C THR A 1098 11.52 3.50 0.48
N ASN A 1099 12.60 3.01 1.08
CA ASN A 1099 13.07 1.66 0.76
C ASN A 1099 12.17 0.59 1.35
N VAL A 1100 11.48 0.89 2.46
CA VAL A 1100 10.67 -0.12 3.13
C VAL A 1100 9.40 -0.41 2.35
N PHE A 1101 8.94 0.51 1.52
CA PHE A 1101 7.70 0.34 0.79
C PHE A 1101 7.89 -0.33 -0.57
N TYR A 1102 9.10 -0.39 -1.10
CA TYR A 1102 9.33 -0.89 -2.45
C TYR A 1102 10.26 -2.08 -2.48
N GLU A 1103 10.66 -2.60 -1.32
CA GLU A 1103 11.47 -3.81 -1.29
C GLU A 1103 10.66 -5.07 -1.54
N GLN A 1104 9.33 -4.98 -1.43
CA GLN A 1104 8.48 -6.16 -1.61
C GLN A 1104 8.45 -6.59 -3.07
N TYR A 1105 8.63 -5.65 -4.00
CA TYR A 1105 8.44 -5.94 -5.42
C TYR A 1105 9.64 -6.59 -6.07
N LEU A 1106 10.74 -6.74 -5.33
CA LEU A 1106 11.87 -7.49 -5.86
C LEU A 1106 11.58 -8.98 -5.91
N THR A 1107 10.70 -9.47 -5.04
CA THR A 1107 10.42 -10.89 -4.93
C THR A 1107 8.94 -11.17 -4.71
N ILE A 1108 8.07 -10.44 -5.41
CA ILE A 1108 6.63 -10.63 -5.20
C ILE A 1108 6.06 -11.58 -6.23
N LEU A 1109 6.73 -11.71 -7.38
CA LEU A 1109 6.21 -12.57 -8.44
C LEU A 1109 6.32 -14.07 -8.10
N PRO A 1110 7.49 -14.61 -7.73
CA PRO A 1110 7.52 -16.04 -7.36
C PRO A 1110 6.79 -16.37 -6.07
N GLU A 1111 6.71 -15.45 -5.12
CA GLU A 1111 5.90 -15.67 -3.93
C GLU A 1111 4.42 -15.72 -4.26
N GLY A 1112 3.97 -14.87 -5.20
CA GLY A 1112 2.58 -14.92 -5.63
C GLY A 1112 2.25 -16.19 -6.39
N LEU A 1113 3.18 -16.65 -7.23
CA LEU A 1113 2.99 -17.92 -7.94
C LEU A 1113 2.99 -19.10 -6.98
N PHE A 1114 3.83 -19.04 -5.94
CA PHE A 1114 3.85 -20.11 -4.94
C PHE A 1114 2.58 -20.11 -4.11
N MET A 1115 2.04 -18.93 -3.79
CA MET A 1115 0.78 -18.87 -3.04
C MET A 1115 -0.40 -19.37 -3.87
N LEU A 1116 -0.42 -19.06 -5.16
CA LEU A 1116 -1.51 -19.55 -6.01
C LEU A 1116 -1.41 -21.07 -6.23
N SER A 1117 -0.18 -21.58 -6.40
CA SER A 1117 -0.01 -23.03 -6.56
C SER A 1117 -0.30 -23.75 -5.25
N LEU A 1118 -0.05 -23.11 -4.11
CA LEU A 1118 -0.39 -23.70 -2.84
C LEU A 1118 -1.89 -23.64 -2.56
N CYS A 1119 -2.58 -22.64 -3.11
CA CYS A 1119 -4.03 -22.55 -2.95
C CYS A 1119 -4.77 -23.52 -3.85
N LEU A 1120 -4.22 -23.84 -5.02
CA LEU A 1120 -4.92 -24.75 -5.93
C LEU A 1120 -4.87 -26.21 -5.49
N VAL A 1121 -4.00 -26.57 -4.55
CA VAL A 1121 -3.85 -27.94 -4.08
C VAL A 1121 -4.98 -28.41 -3.15
N PRO A 1122 -5.24 -27.77 -2.00
CA PRO A 1122 -6.19 -28.37 -1.05
C PRO A 1122 -7.64 -28.25 -1.47
N THR A 1123 -7.96 -27.34 -2.39
CA THR A 1123 -9.31 -27.31 -2.96
C THR A 1123 -9.57 -28.57 -3.79
N PHE A 1124 -8.61 -28.94 -4.63
CA PHE A 1124 -8.71 -30.19 -5.39
C PHE A 1124 -8.64 -31.41 -4.49
N ALA A 1125 -7.89 -31.31 -3.38
CA ALA A 1125 -7.80 -32.44 -2.45
C ALA A 1125 -9.11 -32.66 -1.71
N VAL A 1126 -9.71 -31.59 -1.17
CA VAL A 1126 -10.94 -31.72 -0.40
C VAL A 1126 -12.18 -31.75 -1.27
N SER A 1127 -12.07 -31.50 -2.56
CA SER A 1127 -13.20 -31.67 -3.46
C SER A 1127 -13.36 -33.10 -3.93
N CYS A 1128 -12.44 -34.00 -3.58
CA CYS A 1128 -12.49 -35.38 -4.01
C CYS A 1128 -12.88 -36.36 -2.91
N LEU A 1129 -12.79 -35.96 -1.64
CA LEU A 1129 -13.28 -36.77 -0.55
C LEU A 1129 -14.63 -36.32 -0.02
N LEU A 1130 -14.88 -35.00 -0.04
CA LEU A 1130 -16.17 -34.49 0.43
C LEU A 1130 -17.30 -34.88 -0.51
N LEU A 1131 -17.09 -34.69 -1.82
CA LEU A 1131 -18.14 -34.90 -2.80
C LEU A 1131 -18.06 -36.25 -3.50
N GLY A 1132 -17.03 -37.04 -3.21
CA GLY A 1132 -16.89 -38.34 -3.83
C GLY A 1132 -16.64 -38.29 -5.32
N LEU A 1133 -15.99 -37.23 -5.79
CA LEU A 1133 -15.82 -37.05 -7.22
C LEU A 1133 -14.76 -38.01 -7.78
N ASP A 1134 -14.91 -38.32 -9.06
CA ASP A 1134 -13.95 -39.10 -9.81
C ASP A 1134 -12.74 -38.20 -10.10
N LEU A 1135 -11.63 -38.78 -10.55
CA LEU A 1135 -10.46 -38.00 -10.96
C LEU A 1135 -10.76 -37.14 -12.18
N ARG A 1136 -11.63 -37.61 -13.07
CA ARG A 1136 -12.00 -36.83 -14.26
C ARG A 1136 -12.82 -35.60 -13.88
N SER A 1137 -13.76 -35.75 -12.96
CA SER A 1137 -14.52 -34.61 -12.47
C SER A 1137 -13.66 -33.67 -11.65
N GLY A 1138 -12.72 -34.23 -10.87
CA GLY A 1138 -11.80 -33.40 -10.11
C GLY A 1138 -10.86 -32.58 -10.96
N LEU A 1139 -10.45 -33.13 -12.11
CA LEU A 1139 -9.61 -32.39 -13.03
C LEU A 1139 -10.38 -31.40 -13.89
N LEU A 1140 -11.64 -31.73 -14.21
CA LEU A 1140 -12.37 -30.94 -15.19
C LEU A 1140 -12.82 -29.60 -14.63
N ASN A 1141 -12.89 -29.45 -13.31
CA ASN A 1141 -13.16 -28.15 -12.73
C ASN A 1141 -11.89 -27.45 -12.23
N LEU A 1142 -10.81 -28.20 -12.00
CA LEU A 1142 -9.51 -27.59 -11.81
C LEU A 1142 -9.06 -26.86 -13.06
N LEU A 1143 -9.37 -27.42 -14.24
CA LEU A 1143 -9.16 -26.73 -15.51
C LEU A 1143 -9.97 -25.45 -15.61
N SER A 1144 -11.20 -25.47 -15.10
CA SER A 1144 -12.06 -24.27 -15.14
C SER A 1144 -11.53 -23.19 -14.21
N ILE A 1145 -11.03 -23.59 -13.03
CA ILE A 1145 -10.48 -22.61 -12.09
C ILE A 1145 -9.18 -22.00 -12.62
N VAL A 1146 -8.36 -22.81 -13.30
CA VAL A 1146 -7.12 -22.30 -13.90
C VAL A 1146 -7.42 -21.36 -15.06
N MET A 1147 -8.47 -21.68 -15.85
CA MET A 1147 -8.88 -20.79 -16.93
C MET A 1147 -9.46 -19.48 -16.40
N ILE A 1148 -10.17 -19.54 -15.27
CA ILE A 1148 -10.71 -18.33 -14.64
C ILE A 1148 -9.59 -17.43 -14.14
N LEU A 1149 -8.55 -18.03 -13.52
CA LEU A 1149 -7.40 -17.26 -13.05
C LEU A 1149 -6.61 -16.65 -14.20
N VAL A 1150 -6.42 -17.41 -15.29
CA VAL A 1150 -5.68 -16.90 -16.45
C VAL A 1150 -6.43 -15.78 -17.15
N ASP A 1151 -7.75 -15.93 -17.29
CA ASP A 1151 -8.55 -14.88 -17.92
C ASP A 1151 -8.64 -13.64 -17.05
N THR A 1152 -8.67 -13.82 -15.72
CA THR A 1152 -8.68 -12.68 -14.81
C THR A 1152 -7.37 -11.91 -14.86
N VAL A 1153 -6.24 -12.62 -14.92
CA VAL A 1153 -4.95 -11.94 -15.00
C VAL A 1153 -4.76 -11.26 -16.35
N GLY A 1154 -5.29 -11.86 -17.43
CA GLY A 1154 -5.24 -11.22 -18.73
C GLY A 1154 -6.07 -9.95 -18.83
N PHE A 1155 -7.31 -10.00 -18.31
CA PHE A 1155 -8.14 -8.80 -18.31
C PHE A 1155 -7.61 -7.76 -17.33
N MET A 1156 -6.95 -8.18 -16.26
CA MET A 1156 -6.34 -7.25 -15.34
C MET A 1156 -5.12 -6.59 -15.95
N ALA A 1157 -4.41 -7.28 -16.84
CA ALA A 1157 -3.38 -6.62 -17.64
C ALA A 1157 -3.99 -5.65 -18.64
N LEU A 1158 -5.17 -5.99 -19.19
CA LEU A 1158 -5.79 -5.13 -20.20
C LEU A 1158 -6.33 -3.84 -19.58
N TRP A 1159 -6.91 -3.90 -18.39
CA TRP A 1159 -7.52 -2.76 -17.72
C TRP A 1159 -6.51 -1.91 -16.95
N GLY A 1160 -5.23 -2.25 -17.01
CA GLY A 1160 -4.22 -1.48 -16.29
C GLY A 1160 -4.31 -1.61 -14.78
N ILE A 1161 -4.58 -2.81 -14.27
CA ILE A 1161 -4.57 -3.08 -12.84
C ILE A 1161 -3.22 -3.70 -12.51
N SER A 1162 -2.44 -3.02 -11.68
CA SER A 1162 -1.10 -3.46 -11.40
C SER A 1162 -1.11 -4.68 -10.47
N TYR A 1163 0.01 -5.40 -10.46
CA TYR A 1163 0.15 -6.61 -9.67
C TYR A 1163 0.90 -6.25 -8.38
N ASN A 1164 0.25 -6.49 -7.25
CA ASN A 1164 0.78 -6.09 -5.94
C ASN A 1164 0.18 -7.00 -4.88
N ALA A 1165 0.31 -6.59 -3.61
CA ALA A 1165 -0.18 -7.42 -2.52
C ALA A 1165 -1.70 -7.43 -2.47
N VAL A 1166 -2.33 -6.29 -2.77
CA VAL A 1166 -3.79 -6.19 -2.73
C VAL A 1166 -4.43 -7.01 -3.84
N SER A 1167 -3.91 -6.89 -5.06
CA SER A 1167 -4.42 -7.70 -6.16
C SER A 1167 -4.06 -9.16 -6.00
N LEU A 1168 -2.94 -9.47 -5.32
CA LEU A 1168 -2.59 -10.86 -5.04
C LEU A 1168 -3.57 -11.49 -4.05
N ILE A 1169 -3.96 -10.75 -3.01
CA ILE A 1169 -4.94 -11.30 -2.06
C ILE A 1169 -6.32 -11.41 -2.70
N ASN A 1170 -6.63 -10.51 -3.64
CA ASN A 1170 -7.89 -10.63 -4.38
C ASN A 1170 -7.90 -11.85 -5.30
N LEU A 1171 -6.77 -12.15 -5.95
CA LEU A 1171 -6.68 -13.35 -6.79
C LEU A 1171 -6.71 -14.62 -5.95
N VAL A 1172 -6.11 -14.57 -4.76
CA VAL A 1172 -6.12 -15.72 -3.85
C VAL A 1172 -7.52 -15.99 -3.32
N SER A 1173 -8.28 -14.92 -3.05
CA SER A 1173 -9.68 -15.13 -2.67
C SER A 1173 -10.52 -15.58 -3.86
N ALA A 1174 -10.13 -15.16 -5.08
CA ALA A 1174 -10.86 -15.55 -6.27
C ALA A 1174 -10.65 -17.02 -6.61
N VAL A 1175 -9.52 -17.60 -6.18
CA VAL A 1175 -9.31 -19.04 -6.35
C VAL A 1175 -10.33 -19.84 -5.54
N GLY A 1176 -10.68 -19.35 -4.35
CA GLY A 1176 -11.65 -20.04 -3.52
C GLY A 1176 -13.09 -19.68 -3.80
N MET A 1177 -13.35 -18.48 -4.31
CA MET A 1177 -14.72 -18.07 -4.60
C MET A 1177 -15.25 -18.73 -5.87
N SER A 1178 -14.36 -19.21 -6.74
CA SER A 1178 -14.77 -19.80 -8.01
C SER A 1178 -15.09 -21.29 -7.90
N VAL A 1179 -14.99 -21.89 -6.71
CA VAL A 1179 -15.42 -23.28 -6.57
C VAL A 1179 -16.94 -23.36 -6.48
N GLU A 1180 -17.59 -22.26 -6.09
CA GLU A 1180 -19.05 -22.23 -6.05
C GLU A 1180 -19.64 -22.28 -7.45
N PHE A 1181 -18.94 -21.74 -8.44
CA PHE A 1181 -19.48 -21.70 -9.79
C PHE A 1181 -19.42 -23.06 -10.47
N VAL A 1182 -18.48 -23.92 -10.07
CA VAL A 1182 -18.21 -25.14 -10.82
C VAL A 1182 -18.55 -26.41 -10.05
N SER A 1183 -18.45 -26.41 -8.71
CA SER A 1183 -18.54 -27.65 -7.95
C SER A 1183 -19.97 -28.16 -7.90
N HIS A 1184 -20.95 -27.25 -7.84
CA HIS A 1184 -22.36 -27.64 -7.82
C HIS A 1184 -22.78 -28.27 -9.14
N ILE A 1185 -22.36 -27.67 -10.26
CA ILE A 1185 -22.73 -28.19 -11.57
C ILE A 1185 -22.03 -29.51 -11.86
N THR A 1186 -20.77 -29.64 -11.42
CA THR A 1186 -20.05 -30.90 -11.61
C THR A 1186 -20.63 -32.02 -10.77
N ARG A 1187 -21.03 -31.72 -9.53
CA ARG A 1187 -21.66 -32.74 -8.69
C ARG A 1187 -23.04 -33.11 -9.20
N SER A 1188 -23.76 -32.14 -9.79
CA SER A 1188 -25.07 -32.46 -10.35
C SER A 1188 -24.94 -33.30 -11.61
N PHE A 1189 -23.89 -33.07 -12.41
CA PHE A 1189 -23.66 -33.93 -13.57
C PHE A 1189 -23.26 -35.33 -13.14
N ALA A 1190 -22.47 -35.44 -12.07
CA ALA A 1190 -21.93 -36.74 -11.70
C ALA A 1190 -22.98 -37.69 -11.12
N ILE A 1191 -24.09 -37.17 -10.59
CA ILE A 1191 -25.08 -38.00 -9.91
C ILE A 1191 -26.35 -38.13 -10.73
N SER A 1192 -26.24 -38.03 -12.05
CA SER A 1192 -27.39 -38.08 -12.94
C SER A 1192 -27.43 -39.42 -13.65
N THR A 1193 -28.52 -40.16 -13.47
CA THR A 1193 -28.71 -41.45 -14.12
C THR A 1193 -29.60 -41.32 -15.37
N LYS A 1194 -29.11 -40.52 -16.31
CA LYS A 1194 -29.78 -40.33 -17.59
C LYS A 1194 -29.10 -41.14 -18.67
N PRO A 1195 -29.80 -41.45 -19.77
CA PRO A 1195 -29.23 -42.36 -20.78
C PRO A 1195 -28.06 -41.78 -21.57
N THR A 1196 -28.21 -40.59 -22.14
CA THR A 1196 -27.16 -40.01 -22.96
C THR A 1196 -26.45 -38.89 -22.21
N TRP A 1197 -25.34 -38.45 -22.79
CA TRP A 1197 -24.49 -37.45 -22.13
C TRP A 1197 -25.11 -36.07 -22.21
N LEU A 1198 -25.75 -35.77 -23.35
CA LEU A 1198 -26.36 -34.46 -23.55
C LEU A 1198 -27.57 -34.28 -22.64
N GLU A 1199 -28.32 -35.36 -22.38
CA GLU A 1199 -29.43 -35.30 -21.45
C GLU A 1199 -28.97 -35.06 -20.02
N ARG A 1200 -27.84 -35.67 -19.64
CA ARG A 1200 -27.28 -35.44 -18.31
C ARG A 1200 -26.77 -34.01 -18.16
N ALA A 1201 -26.17 -33.47 -19.22
CA ALA A 1201 -25.73 -32.07 -19.19
C ALA A 1201 -26.90 -31.11 -19.11
N LYS A 1202 -27.99 -31.41 -19.84
CA LYS A 1202 -29.19 -30.58 -19.80
C LYS A 1202 -29.86 -30.62 -18.43
N GLU A 1203 -29.91 -31.81 -17.81
CA GLU A 1203 -30.51 -31.94 -16.49
C GLU A 1203 -29.65 -31.27 -15.42
N ALA A 1204 -28.32 -31.35 -15.54
CA ALA A 1204 -27.44 -30.67 -14.60
C ALA A 1204 -27.52 -29.16 -14.74
N THR A 1205 -27.68 -28.68 -15.98
CA THR A 1205 -27.83 -27.24 -16.23
C THR A 1205 -29.14 -26.71 -15.64
N ILE A 1206 -30.26 -27.38 -15.94
CA ILE A 1206 -31.58 -26.96 -15.46
C ILE A 1206 -31.70 -27.10 -13.94
N SER A 1207 -31.05 -28.10 -13.36
CA SER A 1207 -31.09 -28.28 -11.92
C SER A 1207 -30.26 -27.22 -11.21
N MET A 1208 -28.95 -27.17 -11.48
CA MET A 1208 -28.06 -26.39 -10.62
C MET A 1208 -27.56 -25.09 -11.23
N GLY A 1209 -27.60 -24.90 -12.56
CA GLY A 1209 -27.14 -23.64 -13.11
C GLY A 1209 -28.09 -22.50 -12.81
N SER A 1210 -29.38 -22.80 -12.69
CA SER A 1210 -30.35 -21.78 -12.27
C SER A 1210 -30.12 -21.36 -10.83
N ALA A 1211 -29.83 -22.32 -9.95
CA ALA A 1211 -29.52 -22.00 -8.55
C ALA A 1211 -28.20 -21.27 -8.44
N VAL A 1212 -27.21 -21.63 -9.25
CA VAL A 1212 -25.91 -20.98 -9.23
C VAL A 1212 -26.00 -19.55 -9.73
N PHE A 1213 -26.78 -19.33 -10.80
CA PHE A 1213 -27.00 -17.98 -11.31
C PHE A 1213 -27.78 -17.11 -10.34
N ALA A 1214 -28.84 -17.66 -9.75
CA ALA A 1214 -29.68 -16.84 -8.89
C ALA A 1214 -29.01 -16.55 -7.55
N GLY A 1215 -28.20 -17.49 -7.04
CA GLY A 1215 -27.52 -17.22 -5.80
C GLY A 1215 -26.11 -16.68 -5.89
N VAL A 1216 -25.20 -17.43 -6.52
CA VAL A 1216 -23.79 -17.11 -6.48
C VAL A 1216 -23.49 -15.90 -7.36
N ALA A 1217 -24.09 -15.85 -8.54
CA ALA A 1217 -23.85 -14.75 -9.46
C ALA A 1217 -24.58 -13.48 -9.05
N MET A 1218 -25.70 -13.60 -8.36
CA MET A 1218 -26.54 -12.44 -8.06
C MET A 1218 -26.35 -11.87 -6.67
N THR A 1219 -25.88 -12.64 -5.69
CA THR A 1219 -25.70 -12.04 -4.37
C THR A 1219 -24.46 -11.16 -4.30
N ASN A 1220 -23.42 -11.44 -5.09
CA ASN A 1220 -22.20 -10.65 -5.03
C ASN A 1220 -22.21 -9.46 -5.98
N LEU A 1221 -23.25 -9.32 -6.80
CA LEU A 1221 -23.40 -8.07 -7.57
C LEU A 1221 -23.61 -6.82 -6.72
N PRO A 1222 -24.51 -6.79 -5.70
CA PRO A 1222 -24.65 -5.53 -4.92
C PRO A 1222 -23.45 -5.15 -4.08
N GLY A 1223 -22.83 -6.11 -3.38
CA GLY A 1223 -21.66 -5.80 -2.57
C GLY A 1223 -20.45 -5.39 -3.39
N ILE A 1224 -20.28 -5.98 -4.57
CA ILE A 1224 -19.20 -5.57 -5.45
C ILE A 1224 -19.53 -4.24 -6.13
N LEU A 1225 -20.78 -4.05 -6.55
CA LEU A 1225 -21.14 -2.87 -7.33
C LEU A 1225 -21.24 -1.62 -6.46
N VAL A 1226 -21.41 -1.79 -5.15
CA VAL A 1226 -21.45 -0.60 -4.29
C VAL A 1226 -20.05 -0.08 -4.01
N LEU A 1227 -19.01 -0.88 -4.27
CA LEU A 1227 -17.63 -0.44 -4.12
C LEU A 1227 -17.14 0.38 -5.30
N GLY A 1228 -17.93 0.53 -6.35
CA GLY A 1228 -17.55 1.41 -7.45
C GLY A 1228 -17.76 2.87 -7.16
N LEU A 1229 -18.49 3.19 -6.09
CA LEU A 1229 -18.64 4.55 -5.58
C LEU A 1229 -17.70 4.81 -4.42
N ALA A 1230 -16.49 4.26 -4.50
CA ALA A 1230 -15.67 4.07 -3.32
C ALA A 1230 -15.06 5.38 -2.82
N LYS A 1231 -14.64 6.25 -3.75
CA LYS A 1231 -14.00 7.56 -3.55
C LYS A 1231 -12.53 7.50 -3.12
N ALA A 1232 -12.00 6.32 -2.83
CA ALA A 1232 -10.58 6.07 -2.70
C ALA A 1232 -10.18 5.15 -3.84
N GLN A 1233 -9.06 5.45 -4.49
CA GLN A 1233 -8.71 4.77 -5.73
C GLN A 1233 -8.30 3.33 -5.50
N LEU A 1234 -7.82 3.00 -4.30
CA LEU A 1234 -7.41 1.63 -4.01
C LEU A 1234 -8.62 0.70 -3.90
N ILE A 1235 -9.67 1.16 -3.22
CA ILE A 1235 -10.90 0.37 -3.10
C ILE A 1235 -11.61 0.29 -4.45
N GLN A 1236 -11.58 1.36 -5.22
CA GLN A 1236 -12.30 1.39 -6.49
C GLN A 1236 -11.55 0.66 -7.59
N ILE A 1237 -10.25 0.42 -7.42
CA ILE A 1237 -9.47 -0.23 -8.46
C ILE A 1237 -9.23 -1.70 -8.13
N PHE A 1238 -8.70 -1.98 -6.93
CA PHE A 1238 -8.26 -3.34 -6.62
C PHE A 1238 -9.34 -4.20 -6.00
N PHE A 1239 -10.49 -3.65 -5.67
CA PHE A 1239 -11.57 -4.44 -5.06
C PHE A 1239 -12.86 -4.43 -5.87
N PHE A 1240 -13.14 -3.36 -6.61
CA PHE A 1240 -14.35 -3.31 -7.43
C PHE A 1240 -14.11 -3.95 -8.79
N ARG A 1241 -13.09 -3.48 -9.51
CA ARG A 1241 -12.83 -3.92 -10.88
C ARG A 1241 -12.39 -5.38 -10.93
N LEU A 1242 -11.51 -5.76 -10.00
CA LEU A 1242 -10.98 -7.12 -10.00
C LEU A 1242 -12.03 -8.13 -9.57
N ASN A 1243 -12.83 -7.79 -8.56
CA ASN A 1243 -13.90 -8.69 -8.13
C ASN A 1243 -15.02 -8.75 -9.17
N LEU A 1244 -15.25 -7.66 -9.91
CA LEU A 1244 -16.22 -7.67 -10.99
C LEU A 1244 -15.76 -8.57 -12.14
N LEU A 1245 -14.47 -8.51 -12.47
CA LEU A 1245 -13.89 -9.40 -13.49
C LEU A 1245 -13.96 -10.86 -13.07
N ILE A 1246 -13.67 -11.13 -11.79
CA ILE A 1246 -13.70 -12.49 -11.28
C ILE A 1246 -15.12 -13.05 -11.25
N THR A 1247 -16.10 -12.20 -10.90
CA THR A 1247 -17.50 -12.63 -10.86
C THR A 1247 -18.04 -12.91 -12.25
N LEU A 1248 -17.76 -12.01 -13.21
CA LEU A 1248 -18.28 -12.21 -14.57
C LEU A 1248 -17.58 -13.37 -15.27
N LEU A 1249 -16.27 -13.53 -15.06
CA LEU A 1249 -15.57 -14.67 -15.66
C LEU A 1249 -15.96 -15.98 -15.01
N GLY A 1250 -16.23 -15.97 -13.70
CA GLY A 1250 -16.68 -17.18 -13.05
C GLY A 1250 -18.08 -17.61 -13.47
N LEU A 1251 -18.98 -16.63 -13.65
CA LEU A 1251 -20.31 -16.93 -14.17
C LEU A 1251 -20.27 -17.44 -15.61
N LEU A 1252 -19.40 -16.84 -16.42
CA LEU A 1252 -19.28 -17.25 -17.82
C LEU A 1252 -18.64 -18.63 -17.94
N HIS A 1253 -17.68 -18.95 -17.06
CA HIS A 1253 -17.06 -20.27 -17.08
C HIS A 1253 -17.89 -21.33 -16.38
N GLY A 1254 -18.83 -20.93 -15.53
CA GLY A 1254 -19.68 -21.91 -14.88
C GLY A 1254 -20.92 -22.27 -15.68
N LEU A 1255 -21.56 -21.28 -16.31
CA LEU A 1255 -22.83 -21.53 -16.95
C LEU A 1255 -22.75 -21.69 -18.47
N VAL A 1256 -21.60 -21.44 -19.09
CA VAL A 1256 -21.54 -21.54 -20.54
C VAL A 1256 -20.50 -22.56 -20.98
N PHE A 1257 -19.42 -22.69 -20.20
CA PHE A 1257 -18.31 -23.54 -20.57
C PHE A 1257 -18.37 -24.91 -19.92
N LEU A 1258 -18.74 -24.97 -18.64
CA LEU A 1258 -18.81 -26.24 -17.92
C LEU A 1258 -19.83 -27.23 -18.46
N PRO A 1259 -21.08 -26.87 -18.76
CA PRO A 1259 -21.99 -27.84 -19.40
C PRO A 1259 -21.56 -28.31 -20.78
N VAL A 1260 -20.96 -27.41 -21.57
CA VAL A 1260 -20.49 -27.79 -22.90
C VAL A 1260 -19.29 -28.71 -22.81
N ILE A 1261 -18.40 -28.48 -21.84
CA ILE A 1261 -17.25 -29.35 -21.69
C ILE A 1261 -17.64 -30.66 -21.02
N LEU A 1262 -18.73 -30.65 -20.23
CA LEU A 1262 -19.19 -31.88 -19.61
C LEU A 1262 -19.93 -32.77 -20.59
N SER A 1263 -20.61 -32.16 -21.57
CA SER A 1263 -21.35 -32.94 -22.56
C SER A 1263 -20.44 -33.72 -23.49
N TYR A 1264 -19.20 -33.28 -23.68
CA TYR A 1264 -18.22 -34.00 -24.49
C TYR A 1264 -17.43 -35.00 -23.67
N VAL A 1265 -16.72 -34.52 -22.65
CA VAL A 1265 -15.89 -35.37 -21.80
C VAL A 1265 -16.35 -35.18 -20.36
N GLY A 1266 -16.76 -36.25 -19.71
CA GLY A 1266 -17.22 -36.19 -18.35
C GLY A 1266 -17.12 -37.55 -17.70
N PRO A 1267 -17.48 -37.65 -16.43
CA PRO A 1267 -17.53 -38.96 -15.80
C PRO A 1267 -18.68 -39.78 -16.35
N ASP A 1268 -18.51 -41.10 -16.36
CA ASP A 1268 -19.57 -41.98 -16.78
C ASP A 1268 -20.60 -42.13 -15.66
N VAL A 1269 -21.65 -42.90 -15.94
CA VAL A 1269 -22.72 -43.07 -14.97
C VAL A 1269 -22.26 -43.93 -13.80
N ASN A 1270 -22.69 -43.59 -12.60
CA ASN A 1270 -22.28 -44.22 -11.36
C ASN A 1270 -23.54 -44.67 -10.63
N PRO A 1271 -23.43 -45.67 -9.76
CA PRO A 1271 -24.56 -46.00 -8.87
C PRO A 1271 -24.86 -44.87 -7.90
N ALA A 1272 -26.02 -44.24 -8.09
CA ALA A 1272 -26.45 -43.11 -7.27
C ALA A 1272 -27.57 -43.48 -6.30
N LEU A 1273 -27.87 -44.78 -6.14
CA LEU A 1273 -28.88 -45.23 -5.20
C LEU A 1273 -28.36 -45.32 -3.78
N ALA A 1274 -27.05 -45.11 -3.58
CA ALA A 1274 -26.47 -45.17 -2.23
C ALA A 1274 -26.97 -44.02 -1.37
N LEU A 1275 -27.24 -42.85 -1.99
CA LEU A 1275 -27.80 -41.73 -1.25
C LEU A 1275 -29.22 -42.02 -0.76
N GLU A 1276 -30.03 -42.68 -1.58
CA GLU A 1276 -31.37 -43.05 -1.18
C GLU A 1276 -31.35 -44.15 -0.10
N GLN A 1277 -30.49 -45.16 -0.27
CA GLN A 1277 -30.44 -46.25 0.68
C GLN A 1277 -29.72 -45.90 1.98
N LYS A 1278 -28.96 -44.80 2.02
CA LYS A 1278 -28.49 -44.25 3.28
C LYS A 1278 -29.41 -43.20 3.87
N ARG A 1279 -30.23 -42.55 3.04
CA ARG A 1279 -31.21 -41.58 3.52
C ARG A 1279 -32.41 -42.25 4.16
N ALA A 1280 -32.78 -43.45 3.69
CA ALA A 1280 -33.95 -44.14 4.24
C ALA A 1280 -33.69 -44.61 5.67
N GLU A 1281 -32.45 -44.99 5.98
CA GLU A 1281 -32.08 -45.36 7.34
C GLU A 1281 -32.16 -44.18 8.31
N GLU A 1282 -31.77 -42.99 7.87
CA GLU A 1282 -31.95 -41.81 8.72
C GLU A 1282 -33.41 -41.40 8.83
N ALA A 1283 -34.19 -41.55 7.75
CA ALA A 1283 -35.60 -41.19 7.79
C ALA A 1283 -36.40 -42.15 8.67
N VAL A 1284 -35.97 -43.39 8.78
CA VAL A 1284 -36.60 -44.30 9.74
C VAL A 1284 -35.99 -44.10 11.13
N ALA A 1285 -34.77 -43.57 11.19
CA ALA A 1285 -34.17 -43.22 12.47
C ALA A 1285 -34.65 -41.90 13.01
N ALA A 1286 -35.38 -41.11 12.22
CA ALA A 1286 -35.89 -39.82 12.68
C ALA A 1286 -37.18 -39.94 13.46
N VAL A 1287 -37.73 -41.14 13.59
CA VAL A 1287 -38.94 -41.40 14.37
C VAL A 1287 -38.57 -42.33 15.51
N MET A 1288 -38.84 -41.90 16.74
CA MET A 1288 -38.59 -42.73 17.92
C MET A 1288 -39.61 -42.43 19.01
#